data_2Q9Z
#
_entry.id   2Q9Z
#
_cell.length_a   122.191
_cell.length_b   122.191
_cell.length_c   150.969
_cell.angle_alpha   90
_cell.angle_beta   90
_cell.angle_gamma   120
#
_symmetry.space_group_name_H-M   'P 31 2 1'
#
loop_
_entity.id
_entity.type
_entity.pdbx_description
1 polymer 'Trichodiene synthase'
2 non-polymer 1,2-ETHANEDIOL
3 non-polymer 'MAGNESIUM ION'
4 non-polymer 'PYROPHOSPHATE 2-'
5 water water
#
_entity_poly.entity_id   1
_entity_poly.type   'polypeptide(L)'
_entity_poly.pdbx_seq_one_letter_code
;MENFPTEYFLNTTVRLLEYIRYRDSNYTREERIENLHYAYNKAAHHFAQPRQQQLLKVDPKRLQASLQTIVGMVVYSWAK
VSKECMADLSIHYTYTLVLDDSKDDPYPTMVNYFDDLQAGREQAHPWWALVNEHFPNVLRHFGPFCSLNLIRSTLDFFEG
CWIEQYNFGGFPGSHDYPQFLRRMNGLGHCVGASLWPKEQFNERSLFLEITSAIAQMENWMVWVNDLMSFYKEFDDERDQ
ISLVKNYVVSDEISLHEALEKLTQDTLHSSKQMVAVFSDKDPQVMDTIECFMHGYVTWHLCDRRYRLSEIYEKVKEEKTE
DAQKFCKFYEQAANVGAVSPSEWAYPPVAQLANVRSKDVKEVQKPFLSSIELVE
;
_entity_poly.pdbx_strand_id   A,B
#
loop_
_chem_comp.id
_chem_comp.type
_chem_comp.name
_chem_comp.formula
EDO non-polymer 1,2-ETHANEDIOL 'C2 H6 O2'
MG non-polymer 'MAGNESIUM ION' 'Mg 2'
POP non-polymer 'PYROPHOSPHATE 2-' 'H2 O7 P2 -2'
#
# COMPACT_ATOMS: atom_id res chain seq x y z
N MET A 1 -22.84 -5.82 23.73
CA MET A 1 -22.61 -6.70 22.54
C MET A 1 -22.24 -8.12 23.00
N GLU A 2 -23.11 -8.73 23.80
CA GLU A 2 -22.88 -10.08 24.32
C GLU A 2 -23.29 -11.15 23.31
N ASN A 3 -24.42 -10.94 22.64
CA ASN A 3 -24.91 -11.88 21.64
C ASN A 3 -24.50 -11.36 20.27
N PHE A 4 -24.60 -12.23 19.28
CA PHE A 4 -24.24 -11.88 17.91
C PHE A 4 -25.37 -11.06 17.28
N PRO A 5 -25.02 -9.94 16.62
CA PRO A 5 -26.02 -9.06 15.97
C PRO A 5 -26.68 -9.73 14.77
N THR A 6 -27.16 -10.96 14.96
CA THR A 6 -27.79 -11.73 13.89
C THR A 6 -28.67 -10.93 12.95
N GLU A 7 -29.59 -10.15 13.52
CA GLU A 7 -30.50 -9.33 12.72
C GLU A 7 -29.67 -8.47 11.78
N TYR A 8 -28.90 -7.58 12.39
CA TYR A 8 -28.04 -6.66 11.68
C TYR A 8 -27.18 -7.39 10.64
N PHE A 9 -26.68 -8.57 11.01
CA PHE A 9 -25.83 -9.36 10.12
C PHE A 9 -26.59 -9.75 8.87
N LEU A 10 -27.66 -10.52 9.06
CA LEU A 10 -28.50 -10.97 7.96
C LEU A 10 -28.78 -9.82 6.99
N ASN A 11 -29.18 -8.67 7.55
CA ASN A 11 -29.47 -7.50 6.74
C ASN A 11 -28.28 -7.11 5.85
N THR A 12 -27.20 -6.68 6.49
CA THR A 12 -25.99 -6.26 5.77
C THR A 12 -25.60 -7.25 4.68
N THR A 13 -25.63 -8.54 5.03
CA THR A 13 -25.27 -9.61 4.09
C THR A 13 -26.18 -9.61 2.86
N VAL A 14 -27.48 -9.65 3.11
CA VAL A 14 -28.47 -9.64 2.03
C VAL A 14 -28.22 -8.43 1.13
N ARG A 15 -28.02 -7.27 1.74
CA ARG A 15 -27.74 -6.03 1.03
C ARG A 15 -26.51 -6.25 0.16
N LEU A 16 -25.41 -6.65 0.80
CA LEU A 16 -24.18 -6.91 0.06
C LEU A 16 -24.49 -7.76 -1.17
N LEU A 17 -25.13 -8.90 -0.94
CA LEU A 17 -25.48 -9.79 -2.02
C LEU A 17 -26.33 -9.14 -3.11
N GLU A 18 -27.31 -8.34 -2.71
CA GLU A 18 -28.14 -7.65 -3.69
C GLU A 18 -27.30 -6.61 -4.42
N TYR A 19 -26.60 -5.76 -3.68
CA TYR A 19 -25.77 -4.75 -4.32
C TYR A 19 -24.83 -5.36 -5.35
N ILE A 20 -24.15 -6.43 -5.00
CA ILE A 20 -23.22 -7.06 -5.94
C ILE A 20 -23.95 -7.76 -7.08
N ARG A 21 -25.23 -8.04 -6.88
CA ARG A 21 -26.06 -8.72 -7.88
C ARG A 21 -25.85 -10.23 -7.82
N TYR A 22 -25.80 -10.77 -6.61
CA TYR A 22 -25.59 -12.20 -6.43
C TYR A 22 -26.68 -12.99 -7.16
N ARG A 23 -26.27 -13.97 -7.94
CA ARG A 23 -27.22 -14.77 -8.71
C ARG A 23 -26.58 -15.91 -9.47
N ASP A 24 -27.41 -16.89 -9.83
CA ASP A 24 -26.99 -18.09 -10.57
C ASP A 24 -25.99 -17.75 -11.68
N SER A 25 -25.22 -18.74 -12.13
CA SER A 25 -24.21 -18.51 -13.16
C SER A 25 -23.89 -19.72 -14.04
N ASN A 26 -22.84 -19.55 -14.83
CA ASN A 26 -22.39 -20.59 -15.74
C ASN A 26 -21.56 -21.70 -15.09
N TYR A 27 -20.85 -21.44 -13.97
CA TYR A 27 -20.09 -22.54 -13.37
C TYR A 27 -21.10 -23.61 -13.01
N THR A 28 -20.83 -24.85 -13.41
CA THR A 28 -21.73 -25.95 -13.10
C THR A 28 -21.03 -26.79 -12.05
N ARG A 29 -21.80 -27.46 -11.20
CA ARG A 29 -21.17 -28.28 -10.16
C ARG A 29 -20.14 -29.24 -10.76
N GLU A 30 -20.39 -29.69 -11.99
CA GLU A 30 -19.47 -30.60 -12.67
C GLU A 30 -18.17 -29.88 -12.98
N GLU A 31 -18.30 -28.64 -13.46
CA GLU A 31 -17.14 -27.81 -13.81
C GLU A 31 -16.35 -27.43 -12.56
N ARG A 32 -17.08 -27.11 -11.48
CA ARG A 32 -16.44 -26.76 -10.22
C ARG A 32 -15.57 -27.91 -9.80
N ILE A 33 -16.15 -29.10 -9.74
CA ILE A 33 -15.40 -30.28 -9.35
C ILE A 33 -14.23 -30.54 -10.28
N GLU A 34 -14.40 -30.25 -11.57
CA GLU A 34 -13.32 -30.49 -12.52
C GLU A 34 -12.11 -29.67 -12.12
N ASN A 35 -12.35 -28.38 -11.89
CA ASN A 35 -11.31 -27.44 -11.50
C ASN A 35 -10.76 -27.68 -10.09
N LEU A 36 -11.66 -27.86 -9.13
CA LEU A 36 -11.25 -28.13 -7.75
C LEU A 36 -10.18 -29.21 -7.72
N HIS A 37 -10.47 -30.34 -8.36
CA HIS A 37 -9.52 -31.44 -8.39
C HIS A 37 -8.26 -31.14 -9.19
N TYR A 38 -8.40 -30.37 -10.26
CA TYR A 38 -7.22 -30.08 -11.05
C TYR A 38 -6.24 -29.27 -10.22
N ALA A 39 -6.74 -28.16 -9.69
CA ALA A 39 -5.96 -27.26 -8.86
C ALA A 39 -5.42 -28.01 -7.65
N TYR A 40 -6.31 -28.68 -6.92
CA TYR A 40 -5.86 -29.42 -5.77
C TYR A 40 -4.77 -30.42 -6.12
N ASN A 41 -4.99 -31.23 -7.15
CA ASN A 41 -4.00 -32.22 -7.52
C ASN A 41 -2.63 -31.64 -7.80
N LYS A 42 -2.56 -30.54 -8.54
CA LYS A 42 -1.26 -29.96 -8.88
C LYS A 42 -0.56 -29.42 -7.65
N ALA A 43 -1.31 -28.72 -6.82
CA ALA A 43 -0.77 -28.15 -5.60
C ALA A 43 -0.31 -29.26 -4.67
N ALA A 44 -1.20 -30.19 -4.37
CA ALA A 44 -0.89 -31.31 -3.49
C ALA A 44 0.39 -32.00 -3.90
N HIS A 45 0.61 -32.14 -5.20
CA HIS A 45 1.84 -32.79 -5.66
C HIS A 45 3.04 -31.91 -5.34
N HIS A 46 2.84 -30.60 -5.45
CA HIS A 46 3.87 -29.61 -5.19
C HIS A 46 4.29 -29.62 -3.73
N PHE A 47 3.34 -29.40 -2.84
CA PHE A 47 3.64 -29.38 -1.41
C PHE A 47 4.08 -30.72 -0.88
N ALA A 48 3.89 -31.78 -1.64
CA ALA A 48 4.28 -33.10 -1.18
C ALA A 48 5.74 -33.37 -1.47
N GLN A 49 6.34 -32.52 -2.30
CA GLN A 49 7.75 -32.68 -2.67
C GLN A 49 8.62 -32.55 -1.44
N PRO A 50 9.68 -33.35 -1.37
CA PRO A 50 10.61 -33.32 -0.23
C PRO A 50 11.09 -31.91 0.13
N ARG A 51 11.67 -31.18 -0.82
CA ARG A 51 12.13 -29.83 -0.51
C ARG A 51 11.03 -28.99 0.14
N GLN A 52 9.83 -28.98 -0.44
CA GLN A 52 8.75 -28.20 0.14
C GLN A 52 8.41 -28.78 1.52
N GLN A 53 8.37 -30.11 1.59
CA GLN A 53 8.06 -30.81 2.82
C GLN A 53 9.03 -30.46 3.92
N GLN A 54 10.28 -30.24 3.53
CA GLN A 54 11.36 -29.92 4.44
C GLN A 54 11.41 -28.47 4.93
N LEU A 55 11.27 -27.50 4.02
CA LEU A 55 11.36 -26.10 4.40
C LEU A 55 10.10 -25.42 4.92
N LEU A 56 8.93 -25.96 4.60
CA LEU A 56 7.69 -25.33 5.03
C LEU A 56 7.18 -25.91 6.34
N LYS A 57 7.60 -25.34 7.47
CA LYS A 57 7.18 -25.87 8.76
C LYS A 57 5.71 -25.67 9.01
N VAL A 58 4.92 -26.72 8.78
CA VAL A 58 3.48 -26.64 9.00
C VAL A 58 2.94 -27.98 9.43
N ASP A 59 1.96 -27.97 10.34
CA ASP A 59 1.38 -29.23 10.75
C ASP A 59 0.66 -29.77 9.53
N PRO A 60 0.95 -31.00 9.13
CA PRO A 60 0.34 -31.63 7.95
C PRO A 60 -1.18 -31.45 7.92
N LYS A 61 -1.84 -31.82 9.01
CA LYS A 61 -3.28 -31.68 9.11
C LYS A 61 -3.70 -30.26 8.68
N ARG A 62 -2.95 -29.26 9.12
CA ARG A 62 -3.26 -27.90 8.78
C ARG A 62 -2.89 -27.56 7.35
N LEU A 63 -1.72 -28.02 6.88
CA LEU A 63 -1.34 -27.73 5.50
C LEU A 63 -2.44 -28.26 4.59
N GLN A 64 -2.93 -29.44 4.94
CA GLN A 64 -3.99 -30.10 4.20
C GLN A 64 -5.24 -29.24 4.20
N ALA A 65 -5.61 -28.77 5.37
CA ALA A 65 -6.79 -27.95 5.52
C ALA A 65 -6.68 -26.61 4.80
N SER A 66 -5.51 -25.99 4.89
CA SER A 66 -5.30 -24.71 4.25
C SER A 66 -5.38 -24.85 2.75
N LEU A 67 -4.66 -25.85 2.22
CA LEU A 67 -4.64 -26.08 0.78
C LEU A 67 -6.04 -26.23 0.24
N GLN A 68 -6.88 -26.95 0.97
CA GLN A 68 -8.25 -27.13 0.53
C GLN A 68 -9.02 -25.84 0.61
N THR A 69 -8.81 -25.05 1.66
CA THR A 69 -9.53 -23.79 1.75
C THR A 69 -9.11 -22.88 0.58
N ILE A 70 -7.82 -22.87 0.25
CA ILE A 70 -7.36 -22.02 -0.82
C ILE A 70 -7.79 -22.50 -2.20
N VAL A 71 -7.65 -23.79 -2.50
CA VAL A 71 -8.08 -24.26 -3.82
C VAL A 71 -9.52 -23.79 -4.03
N GLY A 72 -10.37 -24.10 -3.06
CA GLY A 72 -11.77 -23.71 -3.14
C GLY A 72 -11.94 -22.23 -3.41
N MET A 73 -11.25 -21.39 -2.64
CA MET A 73 -11.35 -19.95 -2.83
C MET A 73 -11.01 -19.55 -4.27
N VAL A 74 -9.86 -20.03 -4.76
CA VAL A 74 -9.41 -19.69 -6.11
C VAL A 74 -10.39 -20.18 -7.19
N VAL A 75 -10.62 -21.48 -7.21
CA VAL A 75 -11.51 -22.10 -8.18
C VAL A 75 -12.89 -21.48 -8.25
N TYR A 76 -13.38 -20.97 -7.13
CA TYR A 76 -14.69 -20.36 -7.08
C TYR A 76 -14.71 -18.87 -7.43
N SER A 77 -13.57 -18.19 -7.32
CA SER A 77 -13.56 -16.76 -7.59
C SER A 77 -12.81 -16.35 -8.85
N TRP A 78 -11.85 -17.17 -9.25
CA TRP A 78 -11.06 -16.91 -10.45
C TRP A 78 -11.64 -17.74 -11.58
N ALA A 79 -12.96 -17.87 -11.55
CA ALA A 79 -13.74 -18.63 -12.51
C ALA A 79 -13.32 -18.59 -13.99
N LYS A 80 -12.94 -17.41 -14.48
CA LYS A 80 -12.57 -17.28 -15.88
C LYS A 80 -11.12 -17.57 -16.22
N VAL A 81 -10.26 -17.83 -15.23
CA VAL A 81 -8.86 -18.09 -15.58
C VAL A 81 -8.69 -19.56 -15.92
N SER A 82 -7.59 -19.91 -16.58
CA SER A 82 -7.36 -21.29 -16.97
C SER A 82 -7.16 -22.22 -15.77
N LYS A 83 -7.17 -23.53 -16.03
CA LYS A 83 -6.98 -24.49 -14.96
C LYS A 83 -5.58 -24.34 -14.37
N GLU A 84 -4.56 -24.28 -15.21
CA GLU A 84 -3.20 -24.10 -14.72
C GLU A 84 -3.15 -22.89 -13.81
N CYS A 85 -3.75 -21.79 -14.26
CA CYS A 85 -3.78 -20.57 -13.49
C CYS A 85 -4.38 -20.79 -12.11
N MET A 86 -5.52 -21.45 -12.04
CA MET A 86 -6.15 -21.71 -10.75
C MET A 86 -5.18 -22.48 -9.87
N ALA A 87 -4.54 -23.49 -10.46
CA ALA A 87 -3.56 -24.32 -9.75
C ALA A 87 -2.43 -23.47 -9.23
N ASP A 88 -1.66 -22.87 -10.13
CA ASP A 88 -0.54 -22.02 -9.74
C ASP A 88 -0.89 -20.95 -8.72
N LEU A 89 -2.02 -20.29 -8.86
CA LEU A 89 -2.42 -19.29 -7.88
C LEU A 89 -2.74 -20.01 -6.57
N SER A 90 -3.32 -21.20 -6.66
CA SER A 90 -3.65 -21.98 -5.47
C SER A 90 -2.41 -22.29 -4.64
N ILE A 91 -1.31 -22.53 -5.32
CA ILE A 91 -0.07 -22.82 -4.63
C ILE A 91 0.44 -21.56 -3.93
N HIS A 92 0.38 -20.44 -4.64
CA HIS A 92 0.85 -19.16 -4.10
C HIS A 92 0.03 -18.75 -2.90
N TYR A 93 -1.28 -18.72 -3.06
CA TYR A 93 -2.11 -18.30 -1.95
C TYR A 93 -2.09 -19.30 -0.81
N THR A 94 -1.65 -20.53 -1.06
CA THR A 94 -1.58 -21.49 0.04
C THR A 94 -0.30 -21.17 0.83
N TYR A 95 0.72 -20.69 0.14
CA TYR A 95 1.96 -20.32 0.82
C TYR A 95 1.63 -19.16 1.74
N THR A 96 0.93 -18.15 1.23
CA THR A 96 0.62 -16.99 2.04
C THR A 96 -0.23 -17.37 3.25
N LEU A 97 -1.17 -18.29 3.07
CA LEU A 97 -2.04 -18.68 4.18
C LEU A 97 -1.25 -19.41 5.25
N VAL A 98 -0.36 -20.29 4.83
CA VAL A 98 0.46 -21.04 5.75
C VAL A 98 1.36 -20.15 6.64
N LEU A 99 1.86 -19.03 6.11
CA LEU A 99 2.74 -18.14 6.88
C LEU A 99 2.20 -17.64 8.20
N ASP A 100 0.88 -17.56 8.33
CA ASP A 100 0.27 -17.11 9.59
C ASP A 100 0.40 -18.18 10.67
N ASP A 101 1.08 -19.27 10.35
CA ASP A 101 1.24 -20.34 11.33
C ASP A 101 2.57 -20.23 12.07
N SER A 102 3.42 -19.32 11.62
CA SER A 102 4.73 -19.11 12.22
C SER A 102 4.83 -17.96 13.23
N LYS A 103 5.31 -18.30 14.43
CA LYS A 103 5.53 -17.32 15.51
C LYS A 103 6.92 -16.79 15.29
N ASP A 104 7.74 -17.64 14.66
CA ASP A 104 9.13 -17.36 14.37
C ASP A 104 9.43 -15.98 13.84
N ASP A 105 10.04 -15.20 14.73
CA ASP A 105 10.46 -13.85 14.44
C ASP A 105 11.29 -13.83 13.15
N PRO A 106 10.85 -13.02 12.17
CA PRO A 106 11.49 -12.87 10.85
C PRO A 106 12.81 -12.11 10.91
N TYR A 107 12.90 -11.22 11.88
CA TYR A 107 14.07 -10.36 12.04
C TYR A 107 15.41 -10.97 11.65
N PRO A 108 15.91 -11.93 12.42
CA PRO A 108 17.19 -12.53 12.06
C PRO A 108 17.33 -12.99 10.62
N THR A 109 16.28 -13.56 10.05
CA THR A 109 16.33 -14.04 8.67
C THR A 109 16.11 -12.93 7.66
N MET A 110 15.59 -11.80 8.13
CA MET A 110 15.36 -10.67 7.24
C MET A 110 16.47 -9.62 7.32
N VAL A 111 17.55 -9.98 7.98
CA VAL A 111 18.68 -9.07 8.15
C VAL A 111 19.48 -8.82 6.91
N ASN A 112 19.52 -9.81 6.01
CA ASN A 112 20.27 -9.66 4.76
C ASN A 112 19.38 -9.81 3.56
N TYR A 113 18.10 -9.51 3.77
CA TYR A 113 17.11 -9.62 2.71
C TYR A 113 17.55 -8.97 1.39
N PHE A 114 17.74 -7.66 1.40
CA PHE A 114 18.15 -6.95 0.20
C PHE A 114 19.46 -7.39 -0.42
N ASP A 115 20.50 -7.54 0.41
CA ASP A 115 21.78 -7.94 -0.16
C ASP A 115 21.70 -9.29 -0.85
N ASP A 116 21.01 -10.24 -0.23
CA ASP A 116 20.86 -11.55 -0.82
C ASP A 116 20.04 -11.41 -2.08
N LEU A 117 18.97 -10.63 -2.00
CA LEU A 117 18.09 -10.43 -3.13
C LEU A 117 18.90 -9.94 -4.31
N GLN A 118 19.58 -8.81 -4.13
CA GLN A 118 20.37 -8.22 -5.19
C GLN A 118 21.44 -9.17 -5.72
N ALA A 119 22.02 -9.98 -4.84
CA ALA A 119 23.08 -10.92 -5.23
C ALA A 119 22.54 -12.15 -5.93
N GLY A 120 21.27 -12.45 -5.69
CA GLY A 120 20.69 -13.62 -6.30
C GLY A 120 20.90 -14.84 -5.42
N ARG A 121 21.27 -14.63 -4.16
CA ARG A 121 21.46 -15.75 -3.22
C ARG A 121 20.10 -16.10 -2.61
N GLU A 122 19.87 -17.39 -2.38
CA GLU A 122 18.61 -17.83 -1.81
C GLU A 122 18.37 -17.12 -0.47
N GLN A 123 17.13 -16.71 -0.22
CA GLN A 123 16.80 -16.01 1.01
C GLN A 123 17.03 -16.88 2.22
N ALA A 124 17.27 -16.22 3.35
CA ALA A 124 17.54 -16.90 4.61
C ALA A 124 16.26 -17.47 5.18
N HIS A 125 15.17 -16.73 4.99
CA HIS A 125 13.88 -17.17 5.49
C HIS A 125 13.35 -18.22 4.52
N PRO A 126 13.14 -19.44 4.99
CA PRO A 126 12.66 -20.55 4.16
C PRO A 126 11.38 -20.26 3.36
N TRP A 127 10.50 -19.43 3.93
CA TRP A 127 9.28 -19.08 3.23
C TRP A 127 9.65 -18.37 1.95
N TRP A 128 10.42 -17.30 2.05
CA TRP A 128 10.85 -16.59 0.86
C TRP A 128 11.58 -17.56 -0.08
N ALA A 129 12.45 -18.39 0.48
CA ALA A 129 13.18 -19.33 -0.35
C ALA A 129 12.22 -20.17 -1.22
N LEU A 130 11.12 -20.61 -0.65
CA LEU A 130 10.16 -21.42 -1.40
C LEU A 130 9.33 -20.53 -2.32
N VAL A 131 8.68 -19.54 -1.74
CA VAL A 131 7.83 -18.64 -2.51
C VAL A 131 8.56 -18.03 -3.70
N ASN A 132 9.68 -17.35 -3.47
CA ASN A 132 10.39 -16.73 -4.58
C ASN A 132 10.82 -17.71 -5.64
N GLU A 133 11.08 -18.95 -5.23
CA GLU A 133 11.50 -19.98 -6.17
C GLU A 133 10.30 -20.36 -7.05
N HIS A 134 9.13 -20.45 -6.44
CA HIS A 134 7.93 -20.82 -7.15
C HIS A 134 7.24 -19.68 -7.89
N PHE A 135 7.44 -18.45 -7.43
CA PHE A 135 6.79 -17.29 -8.04
C PHE A 135 6.63 -17.30 -9.56
N PRO A 136 7.69 -17.62 -10.31
CA PRO A 136 7.62 -17.65 -11.78
C PRO A 136 6.42 -18.40 -12.37
N ASN A 137 6.01 -19.49 -11.75
CA ASN A 137 4.87 -20.26 -12.21
C ASN A 137 3.58 -19.45 -12.12
N VAL A 138 3.52 -18.50 -11.18
CA VAL A 138 2.35 -17.67 -11.07
C VAL A 138 2.53 -16.52 -12.04
N LEU A 139 3.69 -15.87 -11.93
CA LEU A 139 3.99 -14.72 -12.76
C LEU A 139 3.94 -14.91 -14.26
N ARG A 140 4.14 -16.14 -14.73
CA ARG A 140 4.11 -16.37 -16.17
C ARG A 140 2.73 -16.09 -16.76
N HIS A 141 1.68 -16.28 -15.98
CA HIS A 141 0.33 -16.04 -16.46
C HIS A 141 0.01 -14.55 -16.58
N PHE A 142 0.93 -13.69 -16.17
CA PHE A 142 0.61 -12.28 -16.25
C PHE A 142 1.62 -11.46 -16.97
N GLY A 143 1.23 -10.22 -17.24
CA GLY A 143 2.11 -9.31 -17.93
C GLY A 143 3.02 -8.61 -16.93
N PRO A 144 3.86 -7.69 -17.39
CA PRO A 144 4.73 -7.03 -16.43
C PRO A 144 4.02 -6.20 -15.36
N PHE A 145 3.06 -5.37 -15.76
CA PHE A 145 2.37 -4.55 -14.78
C PHE A 145 1.69 -5.37 -13.69
N CYS A 146 0.87 -6.32 -14.11
CA CYS A 146 0.19 -7.17 -13.15
C CYS A 146 1.18 -7.91 -12.27
N SER A 147 2.24 -8.45 -12.88
CA SER A 147 3.24 -9.18 -12.10
C SER A 147 3.82 -8.33 -10.98
N LEU A 148 4.11 -7.07 -11.29
CA LEU A 148 4.66 -6.17 -10.29
C LEU A 148 3.69 -6.06 -9.12
N ASN A 149 2.40 -6.00 -9.42
CA ASN A 149 1.42 -5.88 -8.37
C ASN A 149 1.42 -7.11 -7.50
N LEU A 150 1.56 -8.29 -8.10
CA LEU A 150 1.58 -9.52 -7.30
C LEU A 150 2.81 -9.51 -6.40
N ILE A 151 3.97 -9.22 -7.00
CA ILE A 151 5.24 -9.16 -6.27
C ILE A 151 5.16 -8.21 -5.09
N ARG A 152 4.67 -7.00 -5.34
CA ARG A 152 4.55 -6.02 -4.27
C ARG A 152 3.62 -6.51 -3.16
N SER A 153 2.37 -6.79 -3.50
CA SER A 153 1.41 -7.25 -2.51
C SER A 153 1.89 -8.43 -1.66
N THR A 154 2.72 -9.30 -2.23
CA THR A 154 3.21 -10.45 -1.50
C THR A 154 4.25 -9.99 -0.47
N LEU A 155 5.10 -9.05 -0.90
CA LEU A 155 6.12 -8.49 -0.02
C LEU A 155 5.40 -7.77 1.10
N ASP A 156 4.39 -6.99 0.72
CA ASP A 156 3.59 -6.26 1.68
C ASP A 156 3.07 -7.29 2.70
N PHE A 157 2.51 -8.38 2.20
CA PHE A 157 1.96 -9.43 3.04
C PHE A 157 2.95 -9.97 4.07
N PHE A 158 4.18 -10.24 3.62
CA PHE A 158 5.21 -10.76 4.50
C PHE A 158 5.43 -9.82 5.69
N GLU A 159 5.42 -8.52 5.43
CA GLU A 159 5.59 -7.53 6.49
C GLU A 159 4.34 -7.52 7.38
N GLY A 160 3.18 -7.58 6.77
CA GLY A 160 1.96 -7.60 7.55
C GLY A 160 1.99 -8.73 8.56
N CYS A 161 2.49 -9.89 8.18
CA CYS A 161 2.53 -11.01 9.10
C CYS A 161 3.50 -10.70 10.23
N TRP A 162 4.57 -10.00 9.88
CA TRP A 162 5.61 -9.64 10.84
C TRP A 162 4.97 -8.77 11.90
N ILE A 163 4.23 -7.75 11.45
CA ILE A 163 3.57 -6.84 12.36
C ILE A 163 2.59 -7.59 13.24
N GLU A 164 1.84 -8.51 12.64
CA GLU A 164 0.84 -9.25 13.41
C GLU A 164 1.44 -10.13 14.47
N GLN A 165 2.72 -10.49 14.31
CA GLN A 165 3.35 -11.34 15.32
C GLN A 165 3.38 -10.63 16.67
N TYR A 166 3.14 -9.33 16.68
CA TYR A 166 3.14 -8.57 17.93
C TYR A 166 1.75 -8.45 18.55
N ASN A 167 0.78 -9.13 17.95
CA ASN A 167 -0.59 -9.08 18.46
C ASN A 167 -0.85 -7.67 18.97
N PHE A 168 -0.78 -6.70 18.06
CA PHE A 168 -0.96 -5.27 18.38
C PHE A 168 -2.12 -4.63 17.61
N GLY A 169 -3.13 -4.19 18.36
CA GLY A 169 -4.28 -3.58 17.72
C GLY A 169 -4.15 -2.08 17.47
N GLY A 170 -2.95 -1.53 17.67
CA GLY A 170 -2.75 -0.12 17.46
C GLY A 170 -2.91 0.68 18.73
N PHE A 171 -2.20 1.80 18.83
CA PHE A 171 -2.28 2.66 20.01
C PHE A 171 -3.61 3.39 19.96
N PRO A 172 -4.27 3.54 21.11
CA PRO A 172 -5.55 4.25 21.13
C PRO A 172 -5.36 5.63 20.53
N GLY A 173 -6.12 5.93 19.49
CA GLY A 173 -6.02 7.24 18.85
C GLY A 173 -5.20 7.19 17.58
N SER A 174 -4.76 5.99 17.22
CA SER A 174 -3.97 5.78 16.01
C SER A 174 -4.97 5.36 14.93
N HIS A 175 -5.85 6.28 14.58
CA HIS A 175 -6.91 6.05 13.59
C HIS A 175 -6.43 5.43 12.28
N ASP A 176 -5.26 5.86 11.81
CA ASP A 176 -4.70 5.34 10.57
C ASP A 176 -4.19 3.91 10.65
N TYR A 177 -3.89 3.42 11.85
CA TYR A 177 -3.33 2.08 12.00
C TYR A 177 -4.13 0.87 11.51
N PRO A 178 -5.40 0.74 11.92
CA PRO A 178 -6.22 -0.39 11.50
C PRO A 178 -6.21 -0.68 9.99
N GLN A 179 -6.58 0.29 9.18
CA GLN A 179 -6.59 0.06 7.75
C GLN A 179 -5.17 -0.12 7.20
N PHE A 180 -4.22 0.57 7.81
CA PHE A 180 -2.82 0.48 7.41
C PHE A 180 -2.42 -1.00 7.47
N LEU A 181 -2.75 -1.61 8.60
CA LEU A 181 -2.44 -3.01 8.85
C LEU A 181 -3.26 -3.95 7.98
N ARG A 182 -4.57 -3.71 7.90
CA ARG A 182 -5.44 -4.55 7.10
C ARG A 182 -5.01 -4.57 5.66
N ARG A 183 -4.57 -3.42 5.18
CA ARG A 183 -4.12 -3.32 3.82
C ARG A 183 -2.85 -4.12 3.62
N MET A 184 -2.00 -4.13 4.63
CA MET A 184 -0.72 -4.84 4.55
C MET A 184 -0.80 -6.33 4.37
N ASN A 185 -1.61 -7.00 5.18
CA ASN A 185 -1.73 -8.45 5.10
C ASN A 185 -2.99 -8.84 4.35
N GLY A 186 -3.52 -7.90 3.57
CA GLY A 186 -4.73 -8.15 2.81
C GLY A 186 -4.51 -8.79 1.45
N LEU A 187 -3.29 -8.69 0.92
CA LEU A 187 -3.00 -9.27 -0.40
C LEU A 187 -3.97 -8.71 -1.46
N GLY A 188 -4.51 -7.53 -1.19
CA GLY A 188 -5.43 -6.90 -2.11
C GLY A 188 -4.95 -6.78 -3.54
N HIS A 189 -3.75 -6.25 -3.72
CA HIS A 189 -3.22 -6.09 -5.06
C HIS A 189 -2.84 -7.37 -5.72
N CYS A 190 -2.53 -8.38 -4.91
CA CYS A 190 -2.17 -9.67 -5.46
C CYS A 190 -3.45 -10.20 -6.12
N VAL A 191 -4.50 -10.30 -5.33
CA VAL A 191 -5.81 -10.74 -5.77
C VAL A 191 -6.21 -9.91 -6.99
N GLY A 192 -6.33 -8.61 -6.77
CA GLY A 192 -6.72 -7.70 -7.84
C GLY A 192 -6.02 -7.86 -9.16
N ALA A 193 -4.71 -8.00 -9.15
CA ALA A 193 -4.03 -8.13 -10.42
C ALA A 193 -3.98 -9.56 -10.96
N SER A 194 -4.19 -10.54 -10.09
CA SER A 194 -4.12 -11.93 -10.55
C SER A 194 -5.37 -12.32 -11.33
N LEU A 195 -6.38 -11.44 -11.32
CA LEU A 195 -7.64 -11.66 -12.03
C LEU A 195 -7.51 -11.42 -13.55
N TRP A 196 -6.38 -10.85 -13.98
CA TRP A 196 -6.19 -10.55 -15.39
C TRP A 196 -5.09 -11.23 -16.17
N PRO A 197 -5.18 -12.55 -16.33
CA PRO A 197 -4.17 -13.33 -17.07
C PRO A 197 -3.87 -12.72 -18.44
N LYS A 198 -2.61 -12.73 -18.87
CA LYS A 198 -2.30 -12.14 -20.16
C LYS A 198 -2.82 -12.97 -21.33
N GLU A 199 -3.32 -14.16 -21.03
CA GLU A 199 -3.85 -15.03 -22.07
C GLU A 199 -5.24 -14.52 -22.41
N GLN A 200 -5.96 -13.98 -21.44
CA GLN A 200 -7.30 -13.48 -21.67
C GLN A 200 -7.40 -11.96 -21.71
N PHE A 201 -6.36 -11.26 -21.24
CA PHE A 201 -6.42 -9.81 -21.25
C PHE A 201 -5.17 -9.13 -21.71
N ASN A 202 -5.34 -7.90 -22.20
CA ASN A 202 -4.21 -7.12 -22.63
C ASN A 202 -4.00 -5.99 -21.63
N GLU A 203 -2.98 -6.18 -20.81
CA GLU A 203 -2.58 -5.26 -19.77
C GLU A 203 -2.50 -3.81 -20.23
N ARG A 204 -1.89 -3.61 -21.40
CA ARG A 204 -1.71 -2.30 -21.97
C ARG A 204 -3.02 -1.72 -22.49
N SER A 205 -3.83 -2.57 -23.11
CA SER A 205 -5.11 -2.13 -23.65
C SER A 205 -6.10 -1.82 -22.55
N LEU A 206 -6.07 -2.62 -21.50
CA LEU A 206 -6.99 -2.45 -20.38
C LEU A 206 -6.31 -1.90 -19.13
N PHE A 207 -5.19 -1.23 -19.31
CA PHE A 207 -4.44 -0.68 -18.19
C PHE A 207 -5.30 0.12 -17.21
N LEU A 208 -6.09 1.06 -17.73
CA LEU A 208 -6.92 1.87 -16.86
C LEU A 208 -7.99 1.07 -16.14
N GLU A 209 -8.60 0.10 -16.82
CA GLU A 209 -9.62 -0.69 -16.15
C GLU A 209 -8.97 -1.61 -15.13
N ILE A 210 -7.86 -2.24 -15.52
CA ILE A 210 -7.16 -3.13 -14.61
C ILE A 210 -6.74 -2.37 -13.35
N THR A 211 -6.07 -1.23 -13.52
CA THR A 211 -5.65 -0.42 -12.40
C THR A 211 -6.83 -0.09 -11.51
N SER A 212 -7.90 0.42 -12.11
CA SER A 212 -9.10 0.76 -11.35
C SER A 212 -9.65 -0.49 -10.64
N ALA A 213 -9.56 -1.64 -11.30
CA ALA A 213 -10.05 -2.87 -10.68
C ALA A 213 -9.24 -3.15 -9.43
N ILE A 214 -7.92 -3.11 -9.56
CA ILE A 214 -7.04 -3.36 -8.43
C ILE A 214 -7.35 -2.40 -7.32
N ALA A 215 -7.36 -1.11 -7.64
CA ALA A 215 -7.63 -0.07 -6.65
C ALA A 215 -8.89 -0.33 -5.83
N GLN A 216 -10.00 -0.55 -6.51
CA GLN A 216 -11.28 -0.78 -5.87
C GLN A 216 -11.41 -2.16 -5.25
N MET A 217 -10.99 -3.15 -6.01
CA MET A 217 -11.09 -4.53 -5.54
C MET A 217 -10.33 -4.77 -4.23
N GLU A 218 -9.20 -4.08 -4.05
CA GLU A 218 -8.43 -4.24 -2.81
C GLU A 218 -9.30 -4.12 -1.56
N ASN A 219 -10.10 -3.06 -1.48
CA ASN A 219 -10.94 -2.86 -0.32
C ASN A 219 -12.15 -3.79 -0.27
N TRP A 220 -12.79 -3.99 -1.42
CA TRP A 220 -13.97 -4.85 -1.45
C TRP A 220 -13.61 -6.23 -0.92
N MET A 221 -12.59 -6.81 -1.53
CA MET A 221 -12.12 -8.13 -1.18
C MET A 221 -11.81 -8.29 0.30
N VAL A 222 -11.07 -7.36 0.89
CA VAL A 222 -10.73 -7.48 2.31
C VAL A 222 -11.88 -7.25 3.24
N TRP A 223 -12.71 -6.24 2.95
CA TRP A 223 -13.87 -5.95 3.78
C TRP A 223 -14.94 -7.03 3.69
N VAL A 224 -15.08 -7.64 2.52
CA VAL A 224 -16.07 -8.68 2.42
C VAL A 224 -15.59 -9.81 3.31
N ASN A 225 -14.28 -10.04 3.34
CA ASN A 225 -13.79 -11.12 4.20
C ASN A 225 -13.88 -10.77 5.67
N ASP A 226 -13.65 -9.50 6.02
CA ASP A 226 -13.74 -9.11 7.42
C ASP A 226 -15.18 -9.30 7.91
N LEU A 227 -16.14 -8.99 7.06
CA LEU A 227 -17.54 -9.11 7.41
C LEU A 227 -17.97 -10.56 7.54
N MET A 228 -17.70 -11.34 6.51
CA MET A 228 -18.04 -12.76 6.49
C MET A 228 -17.39 -13.53 7.62
N SER A 229 -16.11 -13.27 7.88
CA SER A 229 -15.44 -14.00 8.93
C SER A 229 -15.63 -13.34 10.30
N PHE A 230 -16.62 -12.46 10.38
CA PHE A 230 -16.93 -11.78 11.64
C PHE A 230 -17.79 -12.66 12.54
N TYR A 231 -18.46 -13.65 11.97
CA TYR A 231 -19.31 -14.50 12.80
C TYR A 231 -18.47 -15.55 13.50
N LYS A 232 -17.50 -16.10 12.76
CA LYS A 232 -16.63 -17.10 13.35
C LYS A 232 -15.71 -16.45 14.37
N GLU A 233 -15.26 -15.24 14.08
CA GLU A 233 -14.36 -14.50 14.95
C GLU A 233 -14.99 -13.82 16.18
N PHE A 234 -16.32 -13.83 16.26
CA PHE A 234 -17.02 -13.17 17.35
C PHE A 234 -16.68 -13.63 18.76
N ASP A 235 -16.89 -14.90 19.06
CA ASP A 235 -16.61 -15.42 20.40
C ASP A 235 -15.30 -16.17 20.45
N ASP A 236 -14.32 -15.73 19.66
CA ASP A 236 -13.03 -16.42 19.65
C ASP A 236 -11.89 -15.64 20.29
N GLU A 237 -11.67 -15.92 21.58
CA GLU A 237 -10.62 -15.25 22.33
C GLU A 237 -9.21 -15.39 21.77
N ARG A 238 -8.99 -16.29 20.82
CA ARG A 238 -7.66 -16.44 20.26
C ARG A 238 -7.35 -15.33 19.28
N ASP A 239 -8.32 -15.04 18.40
CA ASP A 239 -8.17 -13.99 17.39
C ASP A 239 -8.36 -12.63 18.06
N GLN A 240 -7.26 -12.00 18.42
CA GLN A 240 -7.31 -10.71 19.10
C GLN A 240 -7.12 -9.45 18.24
N ILE A 241 -6.50 -9.58 17.07
CA ILE A 241 -6.28 -8.37 16.28
C ILE A 241 -6.84 -8.39 14.86
N SER A 242 -8.13 -8.11 14.74
CA SER A 242 -8.78 -8.06 13.43
C SER A 242 -9.10 -6.60 13.11
N LEU A 243 -9.51 -6.32 11.87
CA LEU A 243 -9.82 -4.95 11.46
C LEU A 243 -10.88 -4.33 12.36
N VAL A 244 -11.92 -5.10 12.66
CA VAL A 244 -12.96 -4.57 13.50
C VAL A 244 -12.46 -4.40 14.92
N LYS A 245 -11.73 -5.40 15.41
CA LYS A 245 -11.21 -5.35 16.77
C LYS A 245 -10.19 -4.24 16.98
N ASN A 246 -9.51 -3.86 15.90
CA ASN A 246 -8.52 -2.79 15.98
C ASN A 246 -9.24 -1.45 15.88
N TYR A 247 -10.32 -1.38 15.10
CA TYR A 247 -11.07 -0.13 15.02
C TYR A 247 -11.46 0.21 16.45
N VAL A 248 -11.92 -0.81 17.17
CA VAL A 248 -12.32 -0.64 18.57
C VAL A 248 -11.18 -0.06 19.42
N VAL A 249 -10.01 -0.69 19.35
CA VAL A 249 -8.84 -0.26 20.12
C VAL A 249 -8.22 1.06 19.67
N SER A 250 -8.06 1.23 18.36
CA SER A 250 -7.45 2.42 17.80
C SER A 250 -8.36 3.64 17.70
N ASP A 251 -9.62 3.42 17.33
CA ASP A 251 -10.55 4.54 17.21
C ASP A 251 -11.30 4.79 18.51
N GLU A 252 -11.16 3.85 19.45
CA GLU A 252 -11.83 3.96 20.74
C GLU A 252 -13.34 4.09 20.55
N ILE A 253 -13.93 3.03 20.00
CA ILE A 253 -15.36 2.98 19.75
C ILE A 253 -15.84 1.58 20.11
N SER A 254 -17.15 1.41 20.22
CA SER A 254 -17.74 0.13 20.57
C SER A 254 -17.60 -0.86 19.43
N LEU A 255 -17.66 -2.15 19.77
CA LEU A 255 -17.57 -3.18 18.74
C LEU A 255 -18.68 -2.97 17.75
N HIS A 256 -19.86 -2.55 18.23
CA HIS A 256 -20.98 -2.32 17.32
C HIS A 256 -20.60 -1.23 16.33
N GLU A 257 -20.14 -0.10 16.83
CA GLU A 257 -19.74 1.00 15.97
C GLU A 257 -18.72 0.53 14.94
N ALA A 258 -17.71 -0.21 15.38
CA ALA A 258 -16.69 -0.71 14.44
C ALA A 258 -17.39 -1.54 13.36
N LEU A 259 -18.21 -2.49 13.80
CA LEU A 259 -18.95 -3.37 12.90
C LEU A 259 -19.77 -2.52 11.94
N GLU A 260 -20.19 -1.35 12.41
CA GLU A 260 -20.97 -0.40 11.61
C GLU A 260 -20.05 0.20 10.57
N LYS A 261 -18.90 0.69 11.02
CA LYS A 261 -17.94 1.30 10.11
C LYS A 261 -17.69 0.32 8.94
N LEU A 262 -17.40 -0.94 9.29
CA LEU A 262 -17.13 -1.98 8.30
C LEU A 262 -18.25 -2.13 7.27
N THR A 263 -19.47 -2.39 7.72
CA THR A 263 -20.62 -2.57 6.80
C THR A 263 -20.77 -1.43 5.80
N GLN A 264 -20.70 -0.19 6.29
CA GLN A 264 -20.82 0.99 5.44
C GLN A 264 -19.75 1.00 4.35
N ASP A 265 -18.50 0.75 4.73
CA ASP A 265 -17.45 0.72 3.74
C ASP A 265 -17.74 -0.41 2.77
N THR A 266 -18.09 -1.58 3.30
CA THR A 266 -18.37 -2.74 2.48
C THR A 266 -19.49 -2.49 1.48
N LEU A 267 -20.61 -1.97 1.97
CA LEU A 267 -21.74 -1.68 1.08
C LEU A 267 -21.36 -0.61 0.07
N HIS A 268 -20.82 0.50 0.55
CA HIS A 268 -20.41 1.56 -0.36
C HIS A 268 -19.44 1.03 -1.40
N SER A 269 -18.51 0.17 -0.97
CA SER A 269 -17.52 -0.39 -1.86
C SER A 269 -18.23 -1.13 -2.97
N SER A 270 -19.15 -2.00 -2.57
CA SER A 270 -19.93 -2.79 -3.50
C SER A 270 -20.65 -1.91 -4.51
N LYS A 271 -21.37 -0.90 -4.04
CA LYS A 271 -22.08 0.00 -4.95
C LYS A 271 -21.16 0.54 -6.04
N GLN A 272 -20.12 1.26 -5.64
CA GLN A 272 -19.17 1.85 -6.58
C GLN A 272 -18.48 0.81 -7.46
N MET A 273 -18.38 -0.41 -6.96
CA MET A 273 -17.75 -1.49 -7.70
C MET A 273 -18.59 -1.73 -8.97
N VAL A 274 -19.90 -1.88 -8.77
CA VAL A 274 -20.81 -2.11 -9.89
C VAL A 274 -20.91 -0.84 -10.73
N ALA A 275 -21.18 0.29 -10.08
CA ALA A 275 -21.29 1.54 -10.78
C ALA A 275 -20.17 1.79 -11.79
N VAL A 276 -18.92 1.77 -11.34
CA VAL A 276 -17.80 2.01 -12.22
C VAL A 276 -17.67 1.02 -13.36
N PHE A 277 -17.86 -0.25 -13.05
CA PHE A 277 -17.65 -1.30 -14.05
C PHE A 277 -18.79 -1.78 -14.95
N SER A 278 -20.04 -1.58 -14.54
CA SER A 278 -21.17 -2.01 -15.36
C SER A 278 -20.96 -1.68 -16.84
N ASP A 279 -20.89 -0.39 -17.15
CA ASP A 279 -20.72 0.10 -18.51
C ASP A 279 -19.34 -0.07 -19.12
N LYS A 280 -18.45 -0.78 -18.43
CA LYS A 280 -17.11 -0.95 -18.98
C LYS A 280 -17.01 -2.22 -19.80
N ASP A 281 -15.84 -2.48 -20.38
CA ASP A 281 -15.62 -3.67 -21.19
C ASP A 281 -16.38 -4.85 -20.60
N PRO A 282 -17.15 -5.57 -21.43
CA PRO A 282 -17.92 -6.72 -20.95
C PRO A 282 -17.09 -7.83 -20.30
N GLN A 283 -16.01 -8.22 -20.95
CA GLN A 283 -15.12 -9.26 -20.44
C GLN A 283 -14.55 -8.92 -19.04
N VAL A 284 -14.34 -7.63 -18.79
CA VAL A 284 -13.84 -7.17 -17.51
C VAL A 284 -14.92 -7.30 -16.45
N MET A 285 -16.03 -6.59 -16.65
CA MET A 285 -17.14 -6.63 -15.71
C MET A 285 -17.50 -8.07 -15.37
N ASP A 286 -17.23 -8.98 -16.30
CA ASP A 286 -17.54 -10.39 -16.07
C ASP A 286 -16.60 -11.00 -15.01
N THR A 287 -15.28 -10.87 -15.23
CA THR A 287 -14.29 -11.38 -14.28
C THR A 287 -14.59 -10.79 -12.92
N ILE A 288 -14.82 -9.49 -12.90
CA ILE A 288 -15.12 -8.77 -11.68
C ILE A 288 -16.36 -9.32 -11.02
N GLU A 289 -17.44 -9.40 -11.77
CA GLU A 289 -18.69 -9.91 -11.24
C GLU A 289 -18.53 -11.35 -10.74
N CYS A 290 -17.81 -12.17 -11.51
CA CYS A 290 -17.61 -13.56 -11.09
C CYS A 290 -16.76 -13.67 -9.83
N PHE A 291 -15.71 -12.85 -9.72
CA PHE A 291 -14.88 -12.91 -8.52
C PHE A 291 -15.76 -12.66 -7.29
N MET A 292 -16.49 -11.56 -7.31
CA MET A 292 -17.35 -11.21 -6.18
C MET A 292 -18.32 -12.32 -5.79
N HIS A 293 -19.00 -12.85 -6.79
CA HIS A 293 -19.97 -13.89 -6.53
C HIS A 293 -19.31 -15.14 -5.98
N GLY A 294 -18.27 -15.62 -6.66
CA GLY A 294 -17.59 -16.80 -6.18
C GLY A 294 -16.97 -16.61 -4.80
N TYR A 295 -16.40 -15.44 -4.59
CA TYR A 295 -15.78 -15.09 -3.33
C TYR A 295 -16.80 -15.16 -2.21
N VAL A 296 -18.05 -14.81 -2.50
CA VAL A 296 -19.09 -14.86 -1.48
C VAL A 296 -19.66 -16.29 -1.34
N THR A 297 -19.72 -17.02 -2.45
CA THR A 297 -20.20 -18.39 -2.42
C THR A 297 -19.27 -19.16 -1.50
N TRP A 298 -17.97 -18.99 -1.77
CA TRP A 298 -16.90 -19.64 -1.02
C TRP A 298 -16.99 -19.38 0.48
N HIS A 299 -17.25 -18.14 0.85
CA HIS A 299 -17.37 -17.80 2.26
C HIS A 299 -18.55 -18.55 2.85
N LEU A 300 -19.66 -18.52 2.12
CA LEU A 300 -20.91 -19.16 2.52
C LEU A 300 -20.83 -20.67 2.61
N CYS A 301 -20.03 -21.29 1.75
CA CYS A 301 -19.91 -22.74 1.73
C CYS A 301 -18.83 -23.35 2.62
N ASP A 302 -17.65 -22.77 2.64
CA ASP A 302 -16.55 -23.28 3.46
C ASP A 302 -16.90 -23.24 4.94
N ARG A 303 -16.82 -24.40 5.59
CA ARG A 303 -17.14 -24.54 7.01
C ARG A 303 -16.40 -23.55 7.91
N ARG A 304 -15.14 -23.29 7.55
CA ARG A 304 -14.28 -22.37 8.29
C ARG A 304 -15.06 -21.17 8.83
N TYR A 305 -16.01 -20.66 8.05
CA TYR A 305 -16.79 -19.50 8.43
C TYR A 305 -18.05 -19.76 9.23
N ARG A 306 -18.31 -21.04 9.49
CA ARG A 306 -19.45 -21.49 10.28
C ARG A 306 -20.76 -20.75 10.04
N LEU A 307 -20.94 -20.28 8.81
CA LEU A 307 -22.15 -19.56 8.47
C LEU A 307 -23.36 -20.47 8.44
N SER A 308 -23.13 -21.77 8.26
CA SER A 308 -24.23 -22.72 8.23
C SER A 308 -25.03 -22.63 9.53
N GLU A 309 -24.36 -22.19 10.60
CA GLU A 309 -25.03 -22.05 11.89
C GLU A 309 -26.02 -20.89 11.83
N ILE A 310 -25.63 -19.78 11.20
CA ILE A 310 -26.50 -18.62 11.05
C ILE A 310 -27.73 -19.00 10.26
N TYR A 311 -27.55 -19.96 9.36
CA TYR A 311 -28.63 -20.47 8.53
C TYR A 311 -29.60 -21.32 9.35
N GLU A 312 -29.08 -22.37 9.98
CA GLU A 312 -29.91 -23.25 10.79
C GLU A 312 -30.70 -22.54 11.87
N LYS A 313 -30.26 -21.34 12.25
CA LYS A 313 -30.94 -20.57 13.29
C LYS A 313 -32.15 -19.82 12.72
N VAL A 314 -31.91 -18.93 11.76
CA VAL A 314 -32.98 -18.15 11.15
C VAL A 314 -33.67 -18.92 10.01
N LYS A 315 -33.33 -20.21 9.90
CA LYS A 315 -33.87 -21.09 8.88
C LYS A 315 -35.38 -20.96 8.68
N GLU A 316 -36.11 -20.82 9.78
CA GLU A 316 -37.57 -20.70 9.74
C GLU A 316 -38.12 -19.28 9.84
N GLU A 317 -37.53 -18.46 10.72
CA GLU A 317 -38.00 -17.07 10.88
C GLU A 317 -38.51 -16.50 9.56
N LYS A 318 -39.70 -15.89 9.60
CA LYS A 318 -40.32 -15.34 8.40
C LYS A 318 -40.05 -13.85 8.11
N THR A 319 -38.82 -13.40 8.36
CA THR A 319 -38.43 -12.01 8.10
C THR A 319 -38.00 -11.87 6.65
N GLU A 320 -38.00 -10.67 6.10
CA GLU A 320 -37.58 -10.52 4.72
C GLU A 320 -36.12 -10.95 4.64
N ASP A 321 -35.29 -10.37 5.51
CA ASP A 321 -33.87 -10.68 5.53
C ASP A 321 -33.65 -12.17 5.71
N ALA A 322 -34.06 -12.70 6.86
CA ALA A 322 -33.91 -14.12 7.17
C ALA A 322 -34.21 -15.01 5.97
N GLN A 323 -35.31 -14.71 5.28
CA GLN A 323 -35.73 -15.46 4.11
C GLN A 323 -34.86 -15.11 2.90
N LYS A 324 -34.50 -13.83 2.79
CA LYS A 324 -33.65 -13.36 1.70
C LYS A 324 -32.27 -14.02 1.82
N PHE A 325 -31.82 -14.15 3.07
CA PHE A 325 -30.55 -14.78 3.38
C PHE A 325 -30.62 -16.25 3.02
N CYS A 326 -31.47 -16.98 3.74
CA CYS A 326 -31.66 -18.40 3.53
C CYS A 326 -31.77 -18.76 2.04
N LYS A 327 -32.42 -17.91 1.25
CA LYS A 327 -32.55 -18.19 -0.17
C LYS A 327 -31.17 -18.16 -0.79
N PHE A 328 -30.48 -17.02 -0.62
CA PHE A 328 -29.13 -16.84 -1.15
C PHE A 328 -28.23 -18.01 -0.76
N TYR A 329 -28.27 -18.37 0.51
CA TYR A 329 -27.46 -19.46 1.06
C TYR A 329 -27.65 -20.73 0.24
N GLU A 330 -28.90 -21.15 0.12
CA GLU A 330 -29.23 -22.35 -0.65
C GLU A 330 -28.70 -22.20 -2.05
N GLN A 331 -28.76 -20.97 -2.58
CA GLN A 331 -28.23 -20.70 -3.92
C GLN A 331 -26.81 -21.21 -3.98
N ALA A 332 -25.98 -20.70 -3.06
CA ALA A 332 -24.57 -21.06 -2.97
C ALA A 332 -24.42 -22.56 -2.88
N ALA A 333 -25.02 -23.13 -1.83
CA ALA A 333 -24.94 -24.57 -1.61
C ALA A 333 -25.18 -25.42 -2.86
N ASN A 334 -26.18 -25.06 -3.65
CA ASN A 334 -26.49 -25.81 -4.86
C ASN A 334 -25.30 -25.93 -5.79
N VAL A 335 -24.41 -24.95 -5.77
CA VAL A 335 -23.23 -24.99 -6.61
C VAL A 335 -21.95 -25.01 -5.81
N GLY A 336 -22.00 -24.52 -4.58
CA GLY A 336 -20.80 -24.46 -3.76
C GLY A 336 -20.55 -25.59 -2.78
N ALA A 337 -21.61 -26.26 -2.34
CA ALA A 337 -21.44 -27.36 -1.39
C ALA A 337 -20.95 -28.60 -2.11
N VAL A 338 -19.68 -28.94 -1.89
CA VAL A 338 -19.08 -30.11 -2.53
C VAL A 338 -18.21 -30.89 -1.56
N SER A 339 -18.51 -32.17 -1.38
CA SER A 339 -17.72 -33.00 -0.49
C SER A 339 -16.29 -33.09 -1.02
N PRO A 340 -15.31 -32.91 -0.13
CA PRO A 340 -13.90 -32.97 -0.50
C PRO A 340 -13.51 -34.29 -1.11
N SER A 341 -14.25 -35.33 -0.79
CA SER A 341 -13.96 -36.66 -1.33
C SER A 341 -14.10 -36.68 -2.85
N GLU A 342 -14.75 -35.65 -3.41
CA GLU A 342 -14.95 -35.57 -4.84
C GLU A 342 -13.79 -34.95 -5.60
N TRP A 343 -12.94 -34.19 -4.91
CA TRP A 343 -11.83 -33.53 -5.56
C TRP A 343 -10.48 -33.53 -4.84
N ALA A 344 -10.50 -33.28 -3.53
CA ALA A 344 -9.28 -33.21 -2.72
C ALA A 344 -8.73 -34.55 -2.28
N TYR A 345 -7.96 -35.19 -3.15
CA TYR A 345 -7.38 -36.49 -2.82
C TYR A 345 -6.27 -36.82 -3.84
N PRO A 346 -5.28 -37.61 -3.43
CA PRO A 346 -5.18 -38.19 -2.09
C PRO A 346 -4.72 -37.06 -1.17
N PRO A 347 -4.50 -37.35 0.12
CA PRO A 347 -4.04 -36.27 1.00
C PRO A 347 -2.56 -35.96 0.75
N VAL A 348 -2.19 -34.69 0.90
CA VAL A 348 -0.82 -34.24 0.65
C VAL A 348 0.21 -35.10 1.33
N ALA A 349 -0.11 -35.52 2.55
CA ALA A 349 0.79 -36.36 3.32
C ALA A 349 1.07 -37.65 2.57
N GLN A 350 0.01 -38.30 2.12
CA GLN A 350 0.13 -39.54 1.39
C GLN A 350 1.07 -39.41 0.19
N LEU A 351 0.96 -38.29 -0.53
CA LEU A 351 1.82 -38.09 -1.68
C LEU A 351 3.22 -37.82 -1.21
N ALA A 352 3.35 -37.24 -0.03
CA ALA A 352 4.67 -36.92 0.51
C ALA A 352 5.42 -38.15 1.00
N ASN A 353 4.70 -39.04 1.67
CA ASN A 353 5.27 -40.27 2.19
C ASN A 353 5.85 -41.14 1.09
N VAL A 354 5.08 -41.33 0.02
CA VAL A 354 5.52 -42.15 -1.11
C VAL A 354 6.94 -41.78 -1.52
N GLU B 2 -7.90 27.15 -16.04
CA GLU B 2 -8.97 27.77 -15.19
C GLU B 2 -8.37 28.83 -14.26
N ASN B 3 -9.16 29.28 -13.30
CA ASN B 3 -8.71 30.26 -12.33
C ASN B 3 -8.21 29.55 -11.09
N PHE B 4 -7.05 29.95 -10.59
CA PHE B 4 -6.48 29.33 -9.40
C PHE B 4 -7.16 29.91 -8.16
N PRO B 5 -7.58 29.04 -7.22
CA PRO B 5 -8.25 29.45 -5.99
C PRO B 5 -7.34 30.22 -5.02
N THR B 6 -6.66 31.24 -5.54
CA THR B 6 -5.78 32.05 -4.73
C THR B 6 -6.45 32.35 -3.39
N GLU B 7 -7.76 32.54 -3.42
CA GLU B 7 -8.52 32.84 -2.21
C GLU B 7 -8.65 31.59 -1.33
N TYR B 8 -9.07 30.49 -1.95
CA TYR B 8 -9.22 29.24 -1.24
C TYR B 8 -7.86 28.75 -0.76
N PHE B 9 -6.86 28.85 -1.64
CA PHE B 9 -5.49 28.43 -1.33
C PHE B 9 -5.02 29.09 -0.02
N LEU B 10 -5.25 30.37 0.10
CA LEU B 10 -4.87 31.11 1.31
C LEU B 10 -5.56 30.44 2.50
N ASN B 11 -6.89 30.42 2.44
CA ASN B 11 -7.73 29.83 3.47
C ASN B 11 -7.13 28.60 4.15
N THR B 12 -7.24 27.44 3.48
CA THR B 12 -6.73 26.17 4.00
C THR B 12 -5.33 26.25 4.58
N THR B 13 -4.39 26.75 3.77
CA THR B 13 -3.00 26.88 4.19
C THR B 13 -2.94 27.46 5.61
N VAL B 14 -3.70 28.52 5.83
CA VAL B 14 -3.76 29.20 7.11
C VAL B 14 -4.22 28.24 8.22
N ARG B 15 -5.36 27.60 8.00
CA ARG B 15 -5.92 26.66 8.96
C ARG B 15 -4.90 25.65 9.48
N LEU B 16 -4.29 24.89 8.57
CA LEU B 16 -3.29 23.89 8.94
C LEU B 16 -2.15 24.50 9.71
N LEU B 17 -1.38 25.31 9.01
CA LEU B 17 -0.23 26.00 9.59
C LEU B 17 -0.53 26.40 11.02
N GLU B 18 -1.73 26.92 11.24
CA GLU B 18 -2.16 27.35 12.55
C GLU B 18 -2.45 26.21 13.54
N TYR B 19 -3.05 25.14 13.05
CA TYR B 19 -3.39 23.99 13.89
C TYR B 19 -2.15 23.21 14.34
N ILE B 20 -1.41 22.70 13.37
CA ILE B 20 -0.19 21.96 13.65
C ILE B 20 0.74 22.84 14.48
N ARG B 21 0.54 24.15 14.35
CA ARG B 21 1.34 25.15 15.03
C ARG B 21 2.73 25.14 14.41
N TYR B 22 2.83 25.53 13.15
CA TYR B 22 4.12 25.54 12.48
C TYR B 22 5.14 26.46 13.14
N ARG B 23 6.20 25.86 13.65
CA ARG B 23 7.26 26.61 14.31
C ARG B 23 8.60 25.89 14.28
N ASP B 24 9.43 26.18 13.27
CA ASP B 24 10.73 25.54 13.18
C ASP B 24 11.79 26.28 14.00
N SER B 25 12.16 25.70 15.13
CA SER B 25 13.18 26.31 16.01
C SER B 25 14.29 25.30 16.30
N ASN B 26 14.25 24.17 15.63
CA ASN B 26 15.26 23.13 15.79
C ASN B 26 16.40 23.52 14.86
N TYR B 27 17.67 23.25 15.22
CA TYR B 27 18.72 23.57 14.25
C TYR B 27 19.11 25.04 14.20
N THR B 28 20.38 25.33 13.96
CA THR B 28 20.82 26.71 13.85
C THR B 28 21.19 26.90 12.38
N ARG B 29 21.06 28.11 11.88
CA ARG B 29 21.37 28.36 10.48
C ARG B 29 22.77 27.85 10.12
N GLU B 30 23.69 27.89 11.08
CA GLU B 30 25.04 27.42 10.86
C GLU B 30 25.00 25.93 10.66
N GLU B 31 24.26 25.24 11.52
CA GLU B 31 24.11 23.79 11.47
C GLU B 31 23.42 23.37 10.18
N ARG B 32 22.38 24.10 9.79
CA ARG B 32 21.65 23.79 8.56
C ARG B 32 22.62 23.83 7.40
N ILE B 33 23.36 24.92 7.29
CA ILE B 33 24.32 25.04 6.22
C ILE B 33 25.39 23.96 6.27
N GLU B 34 25.79 23.55 7.47
CA GLU B 34 26.79 22.52 7.60
C GLU B 34 26.30 21.26 6.89
N ASN B 35 25.09 20.82 7.27
CA ASN B 35 24.47 19.63 6.73
C ASN B 35 24.12 19.76 5.25
N LEU B 36 23.47 20.85 4.89
CA LEU B 36 23.11 21.10 3.51
C LEU B 36 24.28 20.79 2.59
N HIS B 37 25.42 21.42 2.88
CA HIS B 37 26.61 21.22 2.06
C HIS B 37 27.20 19.82 2.15
N TYR B 38 27.08 19.19 3.31
CA TYR B 38 27.64 17.85 3.44
C TYR B 38 26.85 16.91 2.54
N ALA B 39 25.54 16.91 2.74
CA ALA B 39 24.64 16.09 1.96
C ALA B 39 24.80 16.42 0.49
N TYR B 40 24.66 17.69 0.13
CA TYR B 40 24.81 18.07 -1.26
C TYR B 40 26.12 17.59 -1.87
N ASN B 41 27.22 17.86 -1.17
CA ASN B 41 28.52 17.47 -1.69
C ASN B 41 28.62 15.98 -2.00
N LYS B 42 28.17 15.15 -1.08
CA LYS B 42 28.27 13.71 -1.31
C LYS B 42 27.43 13.24 -2.48
N ALA B 43 26.19 13.72 -2.52
CA ALA B 43 25.27 13.39 -3.59
C ALA B 43 25.86 13.88 -4.91
N ALA B 44 26.14 15.17 -5.00
CA ALA B 44 26.68 15.78 -6.21
C ALA B 44 27.86 14.98 -6.79
N HIS B 45 28.71 14.45 -5.91
CA HIS B 45 29.84 13.67 -6.37
C HIS B 45 29.35 12.37 -6.94
N HIS B 46 28.30 11.83 -6.34
CA HIS B 46 27.70 10.57 -6.76
C HIS B 46 27.10 10.69 -8.15
N PHE B 47 26.15 11.61 -8.32
CA PHE B 47 25.50 11.80 -9.59
C PHE B 47 26.42 12.29 -10.69
N ALA B 48 27.60 12.74 -10.31
CA ALA B 48 28.51 13.27 -11.32
C ALA B 48 29.34 12.16 -11.92
N GLN B 49 29.29 10.99 -11.28
CA GLN B 49 30.06 9.84 -11.75
C GLN B 49 29.59 9.48 -13.13
N PRO B 50 30.52 9.03 -13.98
CA PRO B 50 30.21 8.63 -15.37
C PRO B 50 29.06 7.62 -15.47
N ARG B 51 29.13 6.52 -14.75
CA ARG B 51 28.05 5.54 -14.81
C ARG B 51 26.69 6.18 -14.48
N GLN B 52 26.63 6.96 -13.41
CA GLN B 52 25.37 7.60 -13.06
C GLN B 52 25.01 8.58 -14.18
N GLN B 53 26.01 9.33 -14.64
CA GLN B 53 25.83 10.32 -15.70
C GLN B 53 25.26 9.69 -16.95
N GLN B 54 25.72 8.47 -17.23
CA GLN B 54 25.32 7.71 -18.40
C GLN B 54 23.92 7.10 -18.35
N LEU B 55 23.59 6.40 -17.28
CA LEU B 55 22.29 5.74 -17.17
C LEU B 55 21.09 6.57 -16.75
N LEU B 56 21.31 7.66 -16.02
CA LEU B 56 20.20 8.46 -15.55
C LEU B 56 19.82 9.58 -16.52
N LYS B 57 18.95 9.29 -17.46
CA LYS B 57 18.56 10.31 -18.44
C LYS B 57 17.81 11.44 -17.80
N VAL B 58 18.50 12.56 -17.58
CA VAL B 58 17.88 13.74 -16.98
C VAL B 58 18.55 14.99 -17.46
N ASP B 59 17.76 16.03 -17.70
CA ASP B 59 18.37 17.28 -18.11
C ASP B 59 19.20 17.75 -16.93
N PRO B 60 20.49 18.03 -17.15
CA PRO B 60 21.38 18.47 -16.09
C PRO B 60 20.77 19.58 -15.24
N LYS B 61 20.24 20.62 -15.90
CA LYS B 61 19.61 21.74 -15.21
C LYS B 61 18.56 21.24 -14.24
N ARG B 62 17.86 20.17 -14.60
CA ARG B 62 16.85 19.64 -13.72
C ARG B 62 17.44 18.73 -12.65
N LEU B 63 18.41 17.91 -13.03
CA LEU B 63 19.02 17.03 -12.03
C LEU B 63 19.55 17.91 -10.93
N GLN B 64 20.19 19.00 -11.32
CA GLN B 64 20.77 19.98 -10.41
C GLN B 64 19.70 20.55 -9.49
N ALA B 65 18.58 20.94 -10.08
CA ALA B 65 17.47 21.51 -9.34
C ALA B 65 16.85 20.51 -8.37
N SER B 66 16.65 19.28 -8.85
CA SER B 66 16.06 18.23 -8.05
C SER B 66 16.93 17.91 -6.85
N LEU B 67 18.20 17.69 -7.12
CA LEU B 67 19.15 17.36 -6.06
C LEU B 67 19.09 18.40 -4.97
N GLN B 68 19.02 19.68 -5.34
CA GLN B 68 18.96 20.71 -4.35
C GLN B 68 17.65 20.67 -3.61
N THR B 69 16.55 20.42 -4.32
CA THR B 69 15.27 20.36 -3.64
C THR B 69 15.27 19.25 -2.63
N ILE B 70 15.86 18.11 -3.00
CA ILE B 70 15.89 16.98 -2.09
C ILE B 70 16.83 17.15 -0.92
N VAL B 71 18.06 17.60 -1.16
CA VAL B 71 18.97 17.77 -0.04
C VAL B 71 18.26 18.61 1.01
N GLY B 72 17.74 19.75 0.58
CA GLY B 72 17.03 20.63 1.50
C GLY B 72 15.93 19.91 2.27
N MET B 73 15.10 19.16 1.55
CA MET B 73 14.01 18.44 2.19
C MET B 73 14.53 17.51 3.31
N VAL B 74 15.54 16.73 2.98
CA VAL B 74 16.12 15.78 3.92
C VAL B 74 16.74 16.45 5.12
N VAL B 75 17.71 17.32 4.85
CA VAL B 75 18.44 18.05 5.88
C VAL B 75 17.53 18.81 6.83
N TYR B 76 16.39 19.29 6.33
CA TYR B 76 15.46 20.04 7.15
C TYR B 76 14.44 19.19 7.91
N SER B 77 14.22 17.95 7.47
CA SER B 77 13.22 17.10 8.14
C SER B 77 13.80 15.91 8.90
N TRP B 78 14.96 15.43 8.46
CA TRP B 78 15.62 14.30 9.09
C TRP B 78 16.69 14.86 10.04
N ALA B 79 16.34 15.97 10.67
CA ALA B 79 17.21 16.70 11.59
C ALA B 79 18.08 15.89 12.55
N LYS B 80 17.52 14.83 13.13
CA LYS B 80 18.27 14.03 14.10
C LYS B 80 19.12 12.90 13.54
N VAL B 81 19.10 12.67 12.23
CA VAL B 81 19.92 11.58 11.70
C VAL B 81 21.32 12.11 11.44
N SER B 82 22.27 11.21 11.29
CA SER B 82 23.65 11.62 11.04
C SER B 82 23.84 12.32 9.69
N LYS B 83 25.01 12.89 9.48
CA LYS B 83 25.29 13.57 8.22
C LYS B 83 25.28 12.56 7.07
N GLU B 84 25.97 11.44 7.26
CA GLU B 84 26.02 10.42 6.23
C GLU B 84 24.61 10.03 5.83
N CYS B 85 23.78 9.81 6.84
CA CYS B 85 22.40 9.44 6.64
C CYS B 85 21.67 10.46 5.76
N MET B 86 21.80 11.74 6.09
CA MET B 86 21.17 12.78 5.30
C MET B 86 21.62 12.67 3.85
N ALA B 87 22.93 12.50 3.67
CA ALA B 87 23.53 12.38 2.34
C ALA B 87 22.95 11.18 1.59
N ASP B 88 23.17 9.98 2.13
CA ASP B 88 22.66 8.77 1.49
C ASP B 88 21.16 8.84 1.20
N LEU B 89 20.37 9.34 2.14
CA LEU B 89 18.95 9.45 1.89
C LEU B 89 18.73 10.45 0.76
N SER B 90 19.50 11.53 0.76
CA SER B 90 19.41 12.55 -0.28
C SER B 90 19.63 11.97 -1.66
N ILE B 91 20.52 11.00 -1.76
CA ILE B 91 20.78 10.36 -3.04
C ILE B 91 19.58 9.52 -3.45
N HIS B 92 19.03 8.79 -2.50
CA HIS B 92 17.89 7.93 -2.77
C HIS B 92 16.67 8.72 -3.19
N TYR B 93 16.33 9.72 -2.39
CA TYR B 93 15.17 10.52 -2.71
C TYR B 93 15.38 11.38 -3.95
N THR B 94 16.62 11.57 -4.37
CA THR B 94 16.84 12.35 -5.59
C THR B 94 16.59 11.42 -6.77
N TYR B 95 16.87 10.12 -6.60
CA TYR B 95 16.60 9.15 -7.65
C TYR B 95 15.10 9.08 -7.86
N THR B 96 14.35 9.02 -6.76
CA THR B 96 12.91 8.93 -6.86
C THR B 96 12.30 10.17 -7.48
N LEU B 97 12.87 11.33 -7.19
CA LEU B 97 12.34 12.57 -7.73
C LEU B 97 12.61 12.68 -9.22
N VAL B 98 13.81 12.29 -9.63
CA VAL B 98 14.19 12.32 -11.03
C VAL B 98 13.21 11.48 -11.85
N LEU B 99 12.59 10.51 -11.17
CA LEU B 99 11.61 9.65 -11.79
C LEU B 99 10.25 10.37 -11.74
N ASP B 100 9.86 10.82 -10.54
CA ASP B 100 8.58 11.48 -10.32
C ASP B 100 8.19 12.46 -11.40
N ASP B 101 9.17 13.05 -12.06
CA ASP B 101 8.91 14.01 -13.14
C ASP B 101 9.61 13.45 -14.37
N SER B 102 9.07 12.36 -14.90
CA SER B 102 9.66 11.71 -16.06
C SER B 102 8.62 11.07 -16.97
N LYS B 103 9.08 10.61 -18.14
CA LYS B 103 8.24 9.97 -19.14
C LYS B 103 9.05 8.84 -19.80
N ASP B 104 8.43 7.67 -19.95
CA ASP B 104 9.10 6.51 -20.56
C ASP B 104 8.40 5.20 -20.17
N ASP B 105 7.81 4.50 -21.13
CA ASP B 105 7.11 3.27 -20.80
C ASP B 105 8.03 2.22 -20.20
N PRO B 106 7.75 1.82 -18.95
CA PRO B 106 8.50 0.84 -18.18
C PRO B 106 8.26 -0.59 -18.67
N TYR B 107 7.05 -0.83 -19.19
CA TYR B 107 6.66 -2.15 -19.67
C TYR B 107 7.79 -3.04 -20.24
N PRO B 108 8.33 -2.68 -21.40
CA PRO B 108 9.39 -3.49 -21.99
C PRO B 108 10.55 -3.83 -21.06
N THR B 109 10.96 -2.86 -20.25
CA THR B 109 12.06 -3.09 -19.32
C THR B 109 11.63 -3.81 -18.05
N MET B 110 10.34 -3.84 -17.78
CA MET B 110 9.82 -4.51 -16.61
C MET B 110 9.30 -5.92 -16.91
N VAL B 111 9.58 -6.41 -18.10
CA VAL B 111 9.13 -7.71 -18.54
C VAL B 111 9.84 -8.89 -17.87
N ASN B 112 11.09 -8.69 -17.49
CA ASN B 112 11.84 -9.75 -16.84
C ASN B 112 12.29 -9.34 -15.45
N TYR B 113 11.55 -8.41 -14.87
CA TYR B 113 11.86 -7.88 -13.56
C TYR B 113 12.17 -8.97 -12.54
N PHE B 114 11.19 -9.79 -12.22
CA PHE B 114 11.38 -10.85 -11.24
C PHE B 114 12.46 -11.87 -11.56
N ASP B 115 12.48 -12.36 -12.80
CA ASP B 115 13.48 -13.36 -13.14
C ASP B 115 14.88 -12.82 -13.00
N ASP B 116 15.09 -11.58 -13.42
CA ASP B 116 16.40 -10.97 -13.29
C ASP B 116 16.70 -10.77 -11.81
N LEU B 117 15.69 -10.30 -11.08
CA LEU B 117 15.83 -10.06 -9.65
C LEU B 117 16.32 -11.33 -8.99
N GLN B 118 15.53 -12.39 -9.11
CA GLN B 118 15.86 -13.66 -8.49
C GLN B 118 17.23 -14.20 -8.93
N ALA B 119 17.59 -13.96 -10.18
CA ALA B 119 18.88 -14.43 -10.70
C ALA B 119 20.05 -13.58 -10.26
N GLY B 120 19.78 -12.33 -9.91
CA GLY B 120 20.85 -11.45 -9.49
C GLY B 120 21.42 -10.70 -10.68
N ARG B 121 20.72 -10.73 -11.81
CA ARG B 121 21.17 -10.02 -13.00
C ARG B 121 20.72 -8.58 -12.88
N GLU B 122 21.53 -7.65 -13.37
CA GLU B 122 21.19 -6.23 -13.32
C GLU B 122 19.87 -5.99 -14.03
N GLN B 123 19.03 -5.16 -13.44
CA GLN B 123 17.73 -4.86 -14.04
C GLN B 123 17.85 -4.19 -15.41
N ALA B 124 16.84 -4.41 -16.24
CA ALA B 124 16.81 -3.87 -17.59
C ALA B 124 16.58 -2.39 -17.54
N HIS B 125 15.74 -1.97 -16.60
CA HIS B 125 15.44 -0.56 -16.46
C HIS B 125 16.61 0.11 -15.74
N PRO B 126 17.27 1.07 -16.41
CA PRO B 126 18.43 1.78 -15.85
C PRO B 126 18.20 2.41 -14.48
N TRP B 127 16.98 2.85 -14.22
CA TRP B 127 16.68 3.44 -12.93
C TRP B 127 16.89 2.36 -11.88
N TRP B 128 16.23 1.22 -12.03
CA TRP B 128 16.41 0.14 -11.08
C TRP B 128 17.88 -0.22 -11.00
N ALA B 129 18.53 -0.32 -12.16
CA ALA B 129 19.94 -0.66 -12.18
C ALA B 129 20.75 0.27 -11.26
N LEU B 130 20.45 1.57 -11.29
CA LEU B 130 21.19 2.51 -10.43
C LEU B 130 20.72 2.44 -8.97
N VAL B 131 19.42 2.67 -8.77
CA VAL B 131 18.83 2.61 -7.45
C VAL B 131 19.18 1.34 -6.68
N ASN B 132 18.87 0.18 -7.23
CA ASN B 132 19.17 -1.07 -6.53
C ASN B 132 20.65 -1.22 -6.21
N GLU B 133 21.50 -0.70 -7.08
CA GLU B 133 22.93 -0.78 -6.86
C GLU B 133 23.33 0.08 -5.68
N HIS B 134 22.70 1.25 -5.59
CA HIS B 134 23.00 2.19 -4.52
C HIS B 134 22.28 1.89 -3.21
N PHE B 135 21.09 1.30 -3.29
CA PHE B 135 20.29 1.00 -2.08
C PHE B 135 21.03 0.66 -0.78
N PRO B 136 22.03 -0.24 -0.85
CA PRO B 136 22.79 -0.63 0.35
C PRO B 136 23.32 0.53 1.20
N ASN B 137 23.70 1.62 0.55
CA ASN B 137 24.19 2.79 1.25
C ASN B 137 23.10 3.43 2.10
N VAL B 138 21.85 3.28 1.68
CA VAL B 138 20.76 3.82 2.48
C VAL B 138 20.40 2.78 3.52
N LEU B 139 20.20 1.55 3.05
CA LEU B 139 19.82 0.45 3.92
C LEU B 139 20.74 0.12 5.09
N ARG B 140 22.02 0.46 4.96
CA ARG B 140 22.94 0.16 6.04
C ARG B 140 22.60 0.94 7.32
N HIS B 141 22.00 2.12 7.16
CA HIS B 141 21.62 2.91 8.32
C HIS B 141 20.41 2.37 9.05
N PHE B 142 19.80 1.32 8.53
CA PHE B 142 18.59 0.83 9.19
C PHE B 142 18.64 -0.63 9.52
N GLY B 143 17.69 -1.04 10.35
CA GLY B 143 17.58 -2.43 10.75
C GLY B 143 16.80 -3.20 9.71
N PRO B 144 16.59 -4.49 9.91
CA PRO B 144 15.83 -5.24 8.91
C PRO B 144 14.39 -4.76 8.67
N PHE B 145 13.62 -4.58 9.75
CA PHE B 145 12.24 -4.15 9.57
C PHE B 145 12.14 -2.84 8.79
N CYS B 146 12.83 -1.81 9.26
CA CYS B 146 12.80 -0.53 8.58
C CYS B 146 13.27 -0.65 7.13
N SER B 147 14.32 -1.43 6.90
CA SER B 147 14.82 -1.61 5.54
C SER B 147 13.74 -2.16 4.63
N LEU B 148 12.98 -3.14 5.12
CA LEU B 148 11.93 -3.74 4.32
C LEU B 148 10.94 -2.67 3.91
N ASN B 149 10.64 -1.77 4.84
CA ASN B 149 9.70 -0.70 4.55
C ASN B 149 10.23 0.23 3.46
N LEU B 150 11.53 0.52 3.48
CA LEU B 150 12.09 1.38 2.45
C LEU B 150 12.02 0.67 1.11
N ILE B 151 12.44 -0.59 1.09
CA ILE B 151 12.43 -1.40 -0.13
C ILE B 151 11.03 -1.48 -0.74
N ARG B 152 10.03 -1.78 0.08
CA ARG B 152 8.65 -1.86 -0.39
C ARG B 152 8.16 -0.55 -0.95
N SER B 153 8.20 0.51 -0.13
CA SER B 153 7.74 1.82 -0.56
C SER B 153 8.43 2.33 -1.84
N THR B 154 9.67 1.93 -2.08
CA THR B 154 10.34 2.37 -3.29
C THR B 154 9.76 1.60 -4.49
N LEU B 155 9.51 0.31 -4.29
CA LEU B 155 8.94 -0.53 -5.34
C LEU B 155 7.55 0.04 -5.64
N ASP B 156 6.79 0.29 -4.58
CA ASP B 156 5.46 0.87 -4.73
C ASP B 156 5.58 2.12 -5.60
N PHE B 157 6.51 3.00 -5.26
CA PHE B 157 6.76 4.23 -5.98
C PHE B 157 6.97 4.03 -7.48
N PHE B 158 7.80 3.04 -7.84
CA PHE B 158 8.08 2.77 -9.24
C PHE B 158 6.80 2.49 -9.99
N GLU B 159 5.88 1.76 -9.35
CA GLU B 159 4.61 1.41 -9.97
C GLU B 159 3.75 2.66 -10.06
N GLY B 160 3.77 3.46 -8.99
CA GLY B 160 3.00 4.69 -8.97
C GLY B 160 3.38 5.58 -10.15
N CYS B 161 4.65 5.65 -10.48
CA CYS B 161 5.08 6.48 -11.60
C CYS B 161 4.57 5.89 -12.91
N TRP B 162 4.53 4.56 -12.97
CA TRP B 162 4.07 3.84 -14.14
C TRP B 162 2.62 4.23 -14.36
N ILE B 163 1.81 4.14 -13.31
CA ILE B 163 0.42 4.49 -13.41
C ILE B 163 0.23 5.93 -13.84
N GLU B 164 1.01 6.83 -13.26
CA GLU B 164 0.89 8.22 -13.61
C GLU B 164 1.23 8.53 -15.05
N GLN B 165 2.04 7.70 -15.67
CA GLN B 165 2.39 7.95 -17.07
C GLN B 165 1.14 7.96 -17.95
N TYR B 166 0.02 7.47 -17.42
CA TYR B 166 -1.23 7.44 -18.19
C TYR B 166 -2.08 8.67 -17.92
N ASN B 167 -1.55 9.62 -17.17
CA ASN B 167 -2.29 10.83 -16.85
C ASN B 167 -3.76 10.47 -16.67
N PHE B 168 -4.05 9.63 -15.68
CA PHE B 168 -5.40 9.15 -15.42
C PHE B 168 -5.86 9.51 -14.00
N GLY B 169 -6.93 10.29 -13.91
CA GLY B 169 -7.44 10.71 -12.63
C GLY B 169 -8.46 9.77 -12.03
N GLY B 170 -8.63 8.60 -12.66
CA GLY B 170 -9.57 7.62 -12.17
C GLY B 170 -10.94 7.72 -12.83
N PHE B 171 -11.64 6.59 -12.92
CA PHE B 171 -12.97 6.59 -13.52
C PHE B 171 -13.93 7.28 -12.57
N PRO B 172 -14.87 8.05 -13.11
CA PRO B 172 -15.82 8.73 -12.22
C PRO B 172 -16.56 7.68 -11.41
N GLY B 173 -16.50 7.81 -10.10
CA GLY B 173 -17.17 6.88 -9.22
C GLY B 173 -16.24 5.85 -8.63
N SER B 174 -14.95 5.98 -8.96
CA SER B 174 -13.91 5.09 -8.45
C SER B 174 -13.33 5.76 -7.22
N HIS B 175 -14.16 5.89 -6.19
CA HIS B 175 -13.80 6.55 -4.93
C HIS B 175 -12.48 6.08 -4.34
N ASP B 176 -12.20 4.78 -4.43
CA ASP B 176 -10.97 4.23 -3.90
C ASP B 176 -9.70 4.57 -4.68
N TYR B 177 -9.84 4.95 -5.95
CA TYR B 177 -8.69 5.25 -6.79
C TYR B 177 -7.73 6.37 -6.35
N PRO B 178 -8.26 7.57 -6.04
CA PRO B 178 -7.39 8.68 -5.64
C PRO B 178 -6.37 8.37 -4.56
N GLN B 179 -6.82 7.93 -3.40
CA GLN B 179 -5.90 7.60 -2.33
C GLN B 179 -5.04 6.38 -2.65
N PHE B 180 -5.60 5.44 -3.42
CA PHE B 180 -4.87 4.25 -3.85
C PHE B 180 -3.61 4.72 -4.57
N LEU B 181 -3.80 5.63 -5.51
CA LEU B 181 -2.72 6.19 -6.31
C LEU B 181 -1.78 7.06 -5.48
N ARG B 182 -2.36 7.95 -4.67
CA ARG B 182 -1.55 8.85 -3.86
C ARG B 182 -0.63 8.08 -2.95
N ARG B 183 -1.15 6.99 -2.41
CA ARG B 183 -0.37 6.15 -1.53
C ARG B 183 0.76 5.48 -2.29
N MET B 184 0.50 5.12 -3.53
CA MET B 184 1.51 4.44 -4.34
C MET B 184 2.78 5.22 -4.62
N ASN B 185 2.62 6.46 -5.08
CA ASN B 185 3.76 7.30 -5.40
C ASN B 185 4.07 8.28 -4.28
N GLY B 186 3.55 7.99 -3.10
CA GLY B 186 3.76 8.84 -1.95
C GLY B 186 5.04 8.57 -1.16
N LEU B 187 5.64 7.40 -1.34
CA LEU B 187 6.86 7.05 -0.63
C LEU B 187 6.65 7.20 0.89
N GLY B 188 5.41 7.11 1.32
CA GLY B 188 5.09 7.25 2.73
C GLY B 188 5.89 6.35 3.66
N HIS B 189 5.95 5.06 3.36
CA HIS B 189 6.67 4.13 4.21
C HIS B 189 8.18 4.31 4.14
N CYS B 190 8.66 4.80 3.01
CA CYS B 190 10.07 5.01 2.86
C CYS B 190 10.43 6.10 3.87
N VAL B 191 9.77 7.25 3.72
CA VAL B 191 9.96 8.38 4.63
C VAL B 191 9.81 7.91 6.07
N GLY B 192 8.62 7.42 6.38
CA GLY B 192 8.32 6.94 7.72
C GLY B 192 9.34 6.00 8.34
N ALA B 193 9.88 5.06 7.60
CA ALA B 193 10.85 4.17 8.21
C ALA B 193 12.27 4.70 8.17
N SER B 194 12.54 5.66 7.28
CA SER B 194 13.90 6.19 7.19
C SER B 194 14.21 7.15 8.32
N LEU B 195 13.19 7.46 9.12
CA LEU B 195 13.33 8.36 10.27
C LEU B 195 13.98 7.67 11.49
N TRP B 196 14.11 6.36 11.43
CA TRP B 196 14.65 5.61 12.56
C TRP B 196 15.95 4.84 12.41
N PRO B 197 17.07 5.55 12.15
CA PRO B 197 18.39 4.93 11.98
C PRO B 197 18.69 3.96 13.12
N LYS B 198 19.34 2.84 12.81
CA LYS B 198 19.63 1.87 13.87
C LYS B 198 20.70 2.37 14.81
N GLU B 199 21.36 3.47 14.42
CA GLU B 199 22.40 4.02 15.25
C GLU B 199 21.77 4.77 16.40
N GLN B 200 20.59 5.34 16.17
CA GLN B 200 19.89 6.08 17.21
C GLN B 200 18.67 5.34 17.77
N PHE B 201 18.21 4.30 17.07
CA PHE B 201 17.04 3.59 17.57
C PHE B 201 17.12 2.10 17.52
N ASN B 202 16.36 1.45 18.38
CA ASN B 202 16.33 0.03 18.38
C ASN B 202 14.97 -0.41 17.84
N GLU B 203 15.02 -0.86 16.60
CA GLU B 203 13.87 -1.34 15.85
C GLU B 203 12.98 -2.30 16.65
N ARG B 204 13.62 -3.23 17.36
CA ARG B 204 12.93 -4.24 18.16
C ARG B 204 12.35 -3.66 19.42
N SER B 205 13.06 -2.73 20.02
CA SER B 205 12.60 -2.10 21.26
C SER B 205 11.46 -1.15 21.00
N LEU B 206 11.55 -0.44 19.89
CA LEU B 206 10.54 0.54 19.51
C LEU B 206 9.68 0.11 18.31
N PHE B 207 9.56 -1.20 18.11
CA PHE B 207 8.78 -1.73 17.00
C PHE B 207 7.37 -1.14 16.92
N LEU B 208 6.64 -1.20 18.02
CA LEU B 208 5.29 -0.67 18.02
C LEU B 208 5.24 0.83 17.74
N GLU B 209 6.17 1.59 18.31
CA GLU B 209 6.14 3.01 18.04
C GLU B 209 6.53 3.27 16.60
N ILE B 210 7.58 2.61 16.15
CA ILE B 210 8.04 2.79 14.77
C ILE B 210 6.93 2.45 13.80
N THR B 211 6.33 1.27 13.96
CA THR B 211 5.24 0.87 13.09
C THR B 211 4.15 1.93 13.09
N SER B 212 3.68 2.31 14.29
CA SER B 212 2.65 3.33 14.41
C SER B 212 3.10 4.63 13.73
N ALA B 213 4.37 4.95 13.86
CA ALA B 213 4.88 6.16 13.24
C ALA B 213 4.71 6.05 11.74
N ILE B 214 5.16 4.94 11.17
CA ILE B 214 5.07 4.71 9.73
C ILE B 214 3.61 4.79 9.27
N ALA B 215 2.75 4.06 9.96
CA ALA B 215 1.33 4.03 9.64
C ALA B 215 0.72 5.42 9.56
N GLN B 216 0.89 6.21 10.61
CA GLN B 216 0.33 7.57 10.66
C GLN B 216 1.08 8.56 9.79
N MET B 217 2.40 8.53 9.88
CA MET B 217 3.22 9.45 9.12
C MET B 217 2.98 9.37 7.62
N GLU B 218 2.67 8.18 7.12
CA GLU B 218 2.40 8.01 5.68
C GLU B 218 1.39 9.03 5.15
N ASN B 219 0.26 9.17 5.85
CA ASN B 219 -0.77 10.10 5.39
C ASN B 219 -0.44 11.56 5.69
N TRP B 220 0.09 11.83 6.87
CA TRP B 220 0.42 13.21 7.22
C TRP B 220 1.36 13.76 6.17
N MET B 221 2.48 13.07 5.98
CA MET B 221 3.50 13.48 5.05
C MET B 221 2.95 13.79 3.66
N VAL B 222 2.15 12.89 3.09
CA VAL B 222 1.62 13.11 1.74
C VAL B 222 0.58 14.21 1.65
N TRP B 223 -0.31 14.28 2.65
CA TRP B 223 -1.35 15.29 2.65
C TRP B 223 -0.79 16.67 2.91
N VAL B 224 0.24 16.75 3.74
CA VAL B 224 0.84 18.03 4.00
C VAL B 224 1.45 18.52 2.70
N ASN B 225 1.98 17.61 1.90
CA ASN B 225 2.56 18.04 0.64
C ASN B 225 1.49 18.37 -0.39
N ASP B 226 0.39 17.64 -0.37
CA ASP B 226 -0.67 17.93 -1.32
C ASP B 226 -1.22 19.33 -1.05
N LEU B 227 -1.37 19.67 0.23
CA LEU B 227 -1.89 20.97 0.63
C LEU B 227 -0.91 22.09 0.27
N MET B 228 0.33 21.96 0.73
CA MET B 228 1.35 22.96 0.47
C MET B 228 1.61 23.18 -1.02
N SER B 229 1.66 22.11 -1.79
CA SER B 229 1.90 22.28 -3.22
C SER B 229 0.59 22.46 -3.99
N PHE B 230 -0.47 22.85 -3.29
CA PHE B 230 -1.75 23.08 -3.95
C PHE B 230 -1.65 24.35 -4.79
N TYR B 231 -0.41 24.67 -5.17
CA TYR B 231 -0.09 25.84 -6.00
C TYR B 231 0.75 25.49 -7.23
N LYS B 232 1.91 24.88 -7.01
CA LYS B 232 2.81 24.52 -8.11
C LYS B 232 2.36 23.35 -8.98
N GLU B 233 1.39 22.57 -8.50
CA GLU B 233 0.89 21.42 -9.26
C GLU B 233 -0.35 21.75 -10.08
N PHE B 234 -0.96 22.88 -9.80
CA PHE B 234 -2.17 23.30 -10.52
C PHE B 234 -1.95 23.30 -12.03
N ASP B 235 -1.71 24.50 -12.57
CA ASP B 235 -1.47 24.70 -13.99
C ASP B 235 -0.52 23.69 -14.66
N ASP B 236 0.40 23.13 -13.86
CA ASP B 236 1.39 22.17 -14.35
C ASP B 236 0.80 20.96 -15.09
N GLU B 237 1.38 20.64 -16.24
CA GLU B 237 0.91 19.51 -17.04
C GLU B 237 1.26 18.14 -16.48
N ARG B 238 2.54 17.91 -16.20
CA ARG B 238 3.00 16.63 -15.66
C ARG B 238 2.42 16.31 -14.27
N ASP B 239 2.01 17.34 -13.55
CA ASP B 239 1.41 17.16 -12.23
C ASP B 239 -0.09 17.47 -12.30
N GLN B 240 -0.68 17.24 -13.46
CA GLN B 240 -2.09 17.50 -13.64
C GLN B 240 -2.94 16.58 -12.77
N ILE B 241 -2.68 15.28 -12.83
CA ILE B 241 -3.43 14.34 -12.00
C ILE B 241 -2.87 14.35 -10.57
N SER B 242 -3.46 15.17 -9.71
CA SER B 242 -3.06 15.27 -8.31
C SER B 242 -4.16 14.69 -7.44
N LEU B 243 -3.86 14.46 -6.15
CA LEU B 243 -4.84 13.89 -5.24
C LEU B 243 -6.12 14.70 -5.23
N VAL B 244 -5.99 16.01 -5.16
CA VAL B 244 -7.18 16.86 -5.14
C VAL B 244 -7.90 16.80 -6.48
N LYS B 245 -7.14 16.90 -7.56
CA LYS B 245 -7.72 16.87 -8.89
C LYS B 245 -8.38 15.53 -9.22
N ASN B 246 -7.91 14.46 -8.59
CA ASN B 246 -8.49 13.15 -8.82
C ASN B 246 -9.73 13.00 -7.96
N TYR B 247 -9.72 13.60 -6.77
CA TYR B 247 -10.90 13.53 -5.91
C TYR B 247 -12.04 14.10 -6.74
N VAL B 248 -11.76 15.20 -7.42
CA VAL B 248 -12.74 15.87 -8.26
C VAL B 248 -13.29 14.92 -9.34
N VAL B 249 -12.40 14.31 -10.10
CA VAL B 249 -12.76 13.39 -11.17
C VAL B 249 -13.39 12.09 -10.71
N SER B 250 -12.79 11.47 -9.69
CA SER B 250 -13.26 10.19 -9.17
C SER B 250 -14.46 10.26 -8.25
N ASP B 251 -14.49 11.24 -7.35
CA ASP B 251 -15.60 11.37 -6.44
C ASP B 251 -16.70 12.26 -7.00
N GLU B 252 -16.41 12.89 -8.13
CA GLU B 252 -17.37 13.77 -8.79
C GLU B 252 -17.85 14.85 -7.82
N ILE B 253 -16.91 15.71 -7.43
CA ILE B 253 -17.19 16.80 -6.51
C ILE B 253 -16.42 18.02 -7.00
N SER B 254 -16.75 19.18 -6.45
CA SER B 254 -16.09 20.43 -6.84
C SER B 254 -14.67 20.49 -6.30
N LEU B 255 -13.84 21.28 -6.96
CA LEU B 255 -12.45 21.43 -6.52
C LEU B 255 -12.45 21.93 -5.08
N HIS B 256 -13.40 22.78 -4.72
CA HIS B 256 -13.46 23.28 -3.36
C HIS B 256 -13.71 22.11 -2.42
N GLU B 257 -14.72 21.29 -2.72
CA GLU B 257 -15.03 20.15 -1.87
C GLU B 257 -13.80 19.26 -1.71
N ALA B 258 -13.11 18.98 -2.80
CA ALA B 258 -11.91 18.15 -2.74
C ALA B 258 -10.91 18.80 -1.79
N LEU B 259 -10.62 20.07 -2.05
CA LEU B 259 -9.69 20.84 -1.23
C LEU B 259 -10.12 20.84 0.25
N GLU B 260 -11.42 20.91 0.48
CA GLU B 260 -11.94 20.93 1.84
C GLU B 260 -11.69 19.57 2.47
N LYS B 261 -11.91 18.51 1.70
CA LYS B 261 -11.71 17.16 2.20
C LYS B 261 -10.28 17.01 2.66
N LEU B 262 -9.34 17.30 1.77
CA LEU B 262 -7.91 17.22 2.07
C LEU B 262 -7.52 17.89 3.38
N THR B 263 -7.97 19.12 3.59
CA THR B 263 -7.63 19.81 4.82
C THR B 263 -8.19 19.10 6.04
N GLN B 264 -9.38 18.53 5.90
CA GLN B 264 -10.00 17.79 7.00
C GLN B 264 -9.09 16.62 7.40
N ASP B 265 -8.67 15.83 6.41
CA ASP B 265 -7.78 14.71 6.65
C ASP B 265 -6.47 15.23 7.22
N THR B 266 -5.91 16.26 6.60
CA THR B 266 -4.65 16.82 7.04
C THR B 266 -4.69 17.29 8.48
N LEU B 267 -5.70 18.07 8.83
CA LEU B 267 -5.83 18.55 10.19
C LEU B 267 -6.02 17.38 11.14
N HIS B 268 -6.98 16.50 10.83
CA HIS B 268 -7.23 15.34 11.68
C HIS B 268 -5.96 14.49 11.84
N SER B 269 -5.22 14.33 10.75
CA SER B 269 -3.98 13.56 10.79
C SER B 269 -3.07 14.19 11.82
N SER B 270 -2.85 15.49 11.68
CA SER B 270 -2.00 16.23 12.58
C SER B 270 -2.45 16.04 14.02
N LYS B 271 -3.75 16.17 14.24
CA LYS B 271 -4.32 16.02 15.58
C LYS B 271 -3.87 14.73 16.25
N GLN B 272 -4.19 13.61 15.60
CA GLN B 272 -3.86 12.28 16.10
C GLN B 272 -2.37 11.99 16.14
N MET B 273 -1.61 12.69 15.30
CA MET B 273 -0.18 12.52 15.24
C MET B 273 0.39 12.94 16.59
N VAL B 274 -0.02 14.11 17.05
CA VAL B 274 0.45 14.62 18.32
C VAL B 274 -0.13 13.78 19.45
N ALA B 275 -1.44 13.59 19.43
CA ALA B 275 -2.14 12.80 20.46
C ALA B 275 -1.46 11.48 20.79
N VAL B 276 -1.30 10.63 19.78
CA VAL B 276 -0.67 9.33 19.98
C VAL B 276 0.77 9.37 20.49
N PHE B 277 1.58 10.29 19.95
CA PHE B 277 2.99 10.38 20.31
C PHE B 277 3.46 11.28 21.45
N SER B 278 2.69 12.28 21.82
CA SER B 278 3.10 13.16 22.91
C SER B 278 3.68 12.37 24.09
N ASP B 279 2.84 11.55 24.71
CA ASP B 279 3.21 10.75 25.87
C ASP B 279 4.10 9.53 25.59
N LYS B 280 4.59 9.38 24.37
CA LYS B 280 5.44 8.23 24.08
C LYS B 280 6.91 8.58 24.27
N ASP B 281 7.78 7.61 24.03
CA ASP B 281 9.23 7.80 24.18
C ASP B 281 9.62 9.20 23.73
N PRO B 282 10.35 9.93 24.57
CA PRO B 282 10.77 11.29 24.22
C PRO B 282 11.57 11.38 22.92
N GLN B 283 12.56 10.51 22.76
CA GLN B 283 13.41 10.50 21.57
C GLN B 283 12.60 10.31 20.28
N VAL B 284 11.50 9.57 20.38
CA VAL B 284 10.64 9.32 19.24
C VAL B 284 9.85 10.58 18.91
N MET B 285 9.05 11.03 19.86
CA MET B 285 8.25 12.23 19.67
C MET B 285 9.12 13.36 19.11
N ASP B 286 10.40 13.35 19.45
CA ASP B 286 11.31 14.39 18.97
C ASP B 286 11.55 14.27 17.47
N THR B 287 11.95 13.09 17.01
CA THR B 287 12.20 12.86 15.58
C THR B 287 10.93 13.20 14.81
N ILE B 288 9.80 12.73 15.33
CA ILE B 288 8.50 12.96 14.74
C ILE B 288 8.21 14.44 14.66
N GLU B 289 8.33 15.12 15.80
CA GLU B 289 8.06 16.56 15.85
C GLU B 289 9.01 17.32 14.93
N CYS B 290 10.28 16.94 14.92
CA CYS B 290 11.24 17.61 14.04
C CYS B 290 10.93 17.39 12.56
N PHE B 291 10.56 16.16 12.19
CA PHE B 291 10.25 15.91 10.79
C PHE B 291 9.16 16.86 10.31
N MET B 292 8.04 16.86 11.05
CA MET B 292 6.90 17.71 10.71
C MET B 292 7.27 19.18 10.57
N HIS B 293 7.96 19.71 11.55
CA HIS B 293 8.36 21.11 11.50
C HIS B 293 9.28 21.38 10.32
N GLY B 294 10.34 20.58 10.19
CA GLY B 294 11.27 20.79 9.09
C GLY B 294 10.60 20.63 7.73
N TYR B 295 9.73 19.63 7.66
CA TYR B 295 9.01 19.33 6.43
C TYR B 295 8.15 20.54 6.02
N VAL B 296 7.65 21.27 7.00
CA VAL B 296 6.83 22.45 6.70
C VAL B 296 7.72 23.65 6.40
N THR B 297 8.85 23.74 7.11
CA THR B 297 9.77 24.85 6.90
C THR B 297 10.21 24.77 5.45
N TRP B 298 10.61 23.56 5.06
CA TRP B 298 11.08 23.28 3.71
C TRP B 298 10.08 23.66 2.64
N HIS B 299 8.80 23.38 2.87
CA HIS B 299 7.78 23.72 1.89
C HIS B 299 7.68 25.23 1.70
N LEU B 300 7.60 25.97 2.80
CA LEU B 300 7.49 27.41 2.68
C LEU B 300 8.69 28.01 1.94
N CYS B 301 9.89 27.53 2.27
CA CYS B 301 11.15 28.02 1.68
C CYS B 301 11.56 27.55 0.28
N ASP B 302 11.44 26.26 -0.01
CA ASP B 302 11.88 25.76 -1.32
C ASP B 302 11.28 26.41 -2.54
N ARG B 303 12.10 26.46 -3.58
CA ARG B 303 11.76 27.02 -4.88
C ARG B 303 10.67 26.18 -5.53
N ARG B 304 11.01 24.92 -5.83
CA ARG B 304 10.11 23.96 -6.46
C ARG B 304 8.62 24.18 -6.17
N TYR B 305 8.30 24.71 -4.99
CA TYR B 305 6.92 24.94 -4.62
C TYR B 305 6.48 26.38 -4.78
N ARG B 306 7.32 27.15 -5.45
CA ARG B 306 7.10 28.56 -5.76
C ARG B 306 6.08 29.28 -4.88
N LEU B 307 6.02 28.97 -3.60
CA LEU B 307 5.07 29.63 -2.72
C LEU B 307 5.47 31.07 -2.49
N SER B 308 6.53 31.49 -3.17
CA SER B 308 7.03 32.86 -3.06
C SER B 308 6.09 33.75 -3.86
N GLU B 309 5.74 33.29 -5.05
CA GLU B 309 4.84 34.00 -5.97
C GLU B 309 3.45 34.08 -5.32
N ILE B 310 3.42 34.07 -4.00
CA ILE B 310 2.17 34.14 -3.24
C ILE B 310 2.38 35.11 -2.07
N TYR B 311 3.53 35.04 -1.41
CA TYR B 311 3.81 35.95 -0.30
C TYR B 311 3.75 37.34 -0.94
N GLU B 312 4.15 37.36 -2.21
CA GLU B 312 4.17 38.58 -3.02
C GLU B 312 3.07 38.53 -4.06
N LYS B 313 1.84 38.70 -3.60
CA LYS B 313 0.66 38.68 -4.45
C LYS B 313 -0.49 38.82 -3.46
N VAL B 314 -0.11 38.83 -2.17
CA VAL B 314 -1.03 38.99 -1.05
C VAL B 314 -0.26 39.72 0.06
N LYS B 315 0.90 40.25 -0.31
CA LYS B 315 1.71 41.01 0.62
C LYS B 315 1.05 42.38 0.63
N GLU B 316 0.04 42.51 -0.22
CA GLU B 316 -0.74 43.74 -0.36
C GLU B 316 -2.20 43.51 0.01
N GLU B 317 -2.74 42.34 -0.35
CA GLU B 317 -4.12 41.99 -0.04
C GLU B 317 -4.28 41.96 1.48
N LYS B 318 -4.99 42.95 2.01
CA LYS B 318 -5.20 43.06 3.45
C LYS B 318 -6.19 42.06 4.07
N THR B 319 -6.30 40.87 3.49
CA THR B 319 -7.21 39.85 4.03
C THR B 319 -6.51 39.30 5.26
N GLU B 320 -7.12 38.34 5.93
CA GLU B 320 -6.46 37.74 7.08
C GLU B 320 -5.79 36.45 6.59
N ASP B 321 -6.26 35.95 5.45
CA ASP B 321 -5.67 34.75 4.85
C ASP B 321 -4.33 35.14 4.23
N ALA B 322 -4.20 36.40 3.83
CA ALA B 322 -2.99 36.94 3.22
C ALA B 322 -2.07 37.59 4.24
N GLN B 323 -2.48 37.53 5.51
CA GLN B 323 -1.71 38.10 6.61
C GLN B 323 -1.46 37.02 7.68
N LYS B 324 -2.05 35.84 7.48
CA LYS B 324 -1.85 34.71 8.37
C LYS B 324 -0.82 33.84 7.63
N PHE B 325 -0.94 33.87 6.30
CA PHE B 325 -0.07 33.16 5.36
C PHE B 325 1.32 33.80 5.43
N CYS B 326 1.35 35.12 5.34
CA CYS B 326 2.59 35.90 5.37
C CYS B 326 3.22 36.02 6.77
N LYS B 327 2.44 35.73 7.82
CA LYS B 327 2.95 35.80 9.19
C LYS B 327 3.88 34.61 9.41
N PHE B 328 3.55 33.51 8.74
CA PHE B 328 4.32 32.29 8.83
C PHE B 328 5.46 32.27 7.80
N TYR B 329 5.10 32.46 6.54
CA TYR B 329 6.06 32.46 5.41
C TYR B 329 7.31 33.24 5.80
N GLU B 330 7.14 34.16 6.73
CA GLU B 330 8.25 34.97 7.21
C GLU B 330 8.97 34.12 8.25
N GLN B 331 8.27 33.88 9.36
CA GLN B 331 8.79 33.08 10.47
C GLN B 331 9.62 31.89 10.03
N ALA B 332 9.26 31.33 8.88
CA ALA B 332 9.94 30.17 8.33
C ALA B 332 11.30 30.51 7.71
N ALA B 333 11.27 31.37 6.69
CA ALA B 333 12.48 31.79 5.99
C ALA B 333 13.52 32.40 6.94
N ASN B 334 13.17 32.50 8.21
CA ASN B 334 14.09 33.04 9.19
C ASN B 334 15.27 32.07 9.34
N VAL B 335 14.94 30.78 9.49
CA VAL B 335 15.96 29.75 9.67
C VAL B 335 16.11 28.84 8.44
N GLY B 336 15.11 28.90 7.56
CA GLY B 336 15.13 28.06 6.38
C GLY B 336 15.56 28.73 5.09
N ALA B 337 15.55 30.06 5.06
CA ALA B 337 15.96 30.77 3.86
C ALA B 337 17.47 30.81 3.80
N VAL B 338 18.03 30.04 2.86
CA VAL B 338 19.48 29.96 2.70
C VAL B 338 19.89 29.98 1.23
N SER B 339 20.73 30.95 0.85
CA SER B 339 21.17 31.02 -0.52
C SER B 339 21.97 29.77 -0.85
N PRO B 340 21.69 29.16 -2.01
CA PRO B 340 22.37 27.96 -2.46
C PRO B 340 23.87 28.13 -2.59
N SER B 341 24.30 29.37 -2.78
CA SER B 341 25.72 29.64 -2.92
C SER B 341 26.48 29.29 -1.64
N GLU B 342 25.75 29.10 -0.56
CA GLU B 342 26.36 28.78 0.72
C GLU B 342 26.63 27.29 0.92
N TRP B 343 25.95 26.45 0.16
CA TRP B 343 26.10 25.01 0.31
C TRP B 343 26.14 24.17 -0.95
N ALA B 344 25.25 24.46 -1.90
CA ALA B 344 25.16 23.69 -3.14
C ALA B 344 26.16 24.07 -4.20
N TYR B 345 27.37 23.52 -4.12
CA TYR B 345 28.42 23.82 -5.10
C TYR B 345 29.53 22.79 -4.94
N PRO B 346 30.27 22.53 -6.01
CA PRO B 346 30.08 23.17 -7.31
C PRO B 346 28.85 22.51 -7.94
N PRO B 347 28.51 22.88 -9.17
CA PRO B 347 27.33 22.24 -9.78
C PRO B 347 27.66 20.82 -10.23
N VAL B 348 26.68 19.92 -10.13
CA VAL B 348 26.89 18.52 -10.50
C VAL B 348 27.55 18.35 -11.85
N ALA B 349 27.14 19.18 -12.79
CA ALA B 349 27.68 19.11 -14.12
C ALA B 349 29.18 19.33 -14.09
N GLN B 350 29.61 20.36 -13.36
CA GLN B 350 31.03 20.70 -13.25
C GLN B 350 31.84 19.53 -12.73
N LEU B 351 31.29 18.82 -11.76
CA LEU B 351 31.98 17.66 -11.19
C LEU B 351 32.00 16.53 -12.20
N ALA B 352 30.96 16.48 -13.03
CA ALA B 352 30.84 15.43 -14.03
C ALA B 352 31.79 15.64 -15.21
N ASN B 353 31.92 16.90 -15.65
CA ASN B 353 32.80 17.22 -16.77
C ASN B 353 34.25 16.88 -16.46
N VAL B 354 34.71 17.27 -15.27
CA VAL B 354 36.08 17.00 -14.85
C VAL B 354 36.47 15.56 -15.14
C1 EDO C . 8.57 -11.47 -3.81
O1 EDO C . 7.60 -10.46 -3.40
C2 EDO C . 9.64 -11.08 -4.82
O2 EDO C . 10.89 -10.59 -4.27
MG MG D . 2.20 17.07 -4.52
MG MG E . 4.92 15.39 -8.14
MG MG F . 3.96 11.80 -7.45
P1 POP G . 4.23 14.38 -5.56
O1 POP G . 3.01 14.91 -6.38
O2 POP G . 5.19 13.63 -6.49
O3 POP G . 3.82 13.48 -4.41
O POP G . 4.77 15.66 -4.69
P2 POP G . 5.40 17.06 -5.34
O4 POP G . 4.32 17.83 -6.22
O5 POP G . 6.64 16.62 -6.17
O6 POP G . 5.69 17.80 -4.11
C1 EDO H . 14.19 -4.19 -5.23
O1 EDO H . 13.78 -3.89 -6.58
C2 EDO H . 14.33 -3.00 -4.27
O2 EDO H . 13.40 -1.88 -4.50
#